data_7UJ5
#
_entry.id   7UJ5
#
_cell.length_a   62.042
_cell.length_b   86.335
_cell.length_c   107.658
_cell.angle_alpha   90.000
_cell.angle_beta   91.620
_cell.angle_gamma   90.000
#
_symmetry.space_group_name_H-M   'P 1 21 1'
#
loop_
_entity.id
_entity.type
_entity.pdbx_description
1 polymer 'Glutamate racemase'
2 non-polymer 'D-GLUTAMIC ACID'
3 non-polymer GLYCEROL
4 water water
#
_entity_poly.entity_id   1
_entity_poly.type   'polypeptide(L)'
_entity_poly.pdbx_seq_one_letter_code
;SHMKIGVFDSGVGGFSVLKSLLKAQIFDKIIYYGDSARVPYGTKDPTTIKQFGLEALDFFKPHKIELLIVACNTASALAL
EEMQKHSKIPIVGVIEPSILAIKQQVKDKNAPILVLGTKATIQSNAYDNALKQQGYLNVSHLATSLFVPLIEENILEGEL
LETCMRYYFTPLEILPEVVILGCTHFPLIAQKIEGYFMEHFALSTPPLLIHSGDAIVEYLQQKYTLKKNACTFPKVEFHA
SGDVVWLEKQAKEWLKL
;
_entity_poly.pdbx_strand_id   A,B,C,D
#
loop_
_chem_comp.id
_chem_comp.type
_chem_comp.name
_chem_comp.formula
GOL non-polymer GLYCEROL 'C3 H8 O3'
#
# COMPACT_ATOMS: atom_id res chain seq x y z
N SER A 1 22.28 -4.57 27.21
CA SER A 1 21.46 -5.19 28.34
C SER A 1 20.23 -4.36 28.68
N HIS A 2 20.42 -3.04 28.71
CA HIS A 2 19.29 -2.13 28.90
C HIS A 2 18.58 -1.86 27.57
N MET A 3 19.33 -1.78 26.48
CA MET A 3 18.88 -1.17 25.24
C MET A 3 17.94 -2.14 24.52
N LYS A 4 16.82 -1.62 24.03
CA LYS A 4 15.94 -2.36 23.13
C LYS A 4 16.46 -2.14 21.70
N ILE A 5 16.73 -3.23 20.98
CA ILE A 5 17.40 -3.13 19.70
CA ILE A 5 17.39 -3.11 19.69
C ILE A 5 16.52 -3.71 18.60
N GLY A 6 16.73 -3.17 17.41
CA GLY A 6 16.16 -3.72 16.20
C GLY A 6 17.24 -4.38 15.37
N VAL A 7 16.81 -5.40 14.62
CA VAL A 7 17.64 -6.07 13.66
C VAL A 7 16.82 -6.13 12.38
N PHE A 8 17.31 -5.50 11.33
CA PHE A 8 16.67 -5.49 10.03
C PHE A 8 17.47 -6.31 9.02
N ASP A 9 16.75 -7.11 8.24
CA ASP A 9 17.30 -7.84 7.11
C ASP A 9 16.24 -7.95 6.02
N SER A 10 16.69 -8.23 4.81
CA SER A 10 15.77 -8.44 3.72
C SER A 10 14.95 -9.70 3.90
N GLY A 11 15.39 -10.65 4.75
CA GLY A 11 14.67 -11.91 4.88
C GLY A 11 15.09 -12.75 6.05
N VAL A 12 15.52 -13.99 5.78
CA VAL A 12 15.99 -14.86 6.84
C VAL A 12 17.51 -14.86 6.97
N GLY A 13 18.22 -14.33 5.97
CA GLY A 13 19.68 -14.34 6.07
C GLY A 13 20.18 -13.64 7.31
N GLY A 14 19.49 -12.59 7.76
CA GLY A 14 19.90 -11.85 8.95
C GLY A 14 19.98 -12.70 10.21
N PHE A 15 19.45 -13.92 10.18
CA PHE A 15 19.59 -14.81 11.31
C PHE A 15 21.04 -15.20 11.56
N SER A 16 21.92 -15.09 10.56
CA SER A 16 23.34 -15.33 10.81
C SER A 16 23.90 -14.27 11.75
N VAL A 17 23.47 -13.02 11.58
CA VAL A 17 23.86 -11.96 12.51
C VAL A 17 23.16 -12.15 13.85
N LEU A 18 21.87 -12.48 13.84
CA LEU A 18 21.16 -12.69 15.10
C LEU A 18 21.80 -13.84 15.86
N LYS A 19 22.24 -14.88 15.16
CA LYS A 19 22.92 -15.95 15.87
C LYS A 19 24.16 -15.44 16.59
N SER A 20 24.94 -14.58 15.93
CA SER A 20 26.13 -14.03 16.55
C SER A 20 25.76 -13.18 17.75
N LEU A 21 24.74 -12.33 17.60
CA LEU A 21 24.25 -11.52 18.72
C LEU A 21 23.82 -12.39 19.90
N LEU A 22 23.03 -13.44 19.65
CA LEU A 22 22.51 -14.23 20.76
C LEU A 22 23.66 -14.95 21.46
N LYS A 23 24.63 -15.42 20.70
CA LYS A 23 25.75 -16.18 21.26
C LYS A 23 26.50 -15.33 22.29
N ALA A 24 26.68 -14.05 21.97
CA ALA A 24 27.38 -13.10 22.83
C ALA A 24 26.60 -12.72 24.08
N GLN A 25 25.28 -12.89 24.08
CA GLN A 25 24.45 -12.63 25.25
C GLN A 25 24.63 -11.21 25.78
N ILE A 26 24.60 -10.24 24.85
CA ILE A 26 24.86 -8.84 25.17
C ILE A 26 23.61 -7.98 25.21
N PHE A 27 22.52 -8.41 24.56
CA PHE A 27 21.29 -7.63 24.52
C PHE A 27 20.15 -8.44 25.12
N ASP A 28 19.19 -7.75 25.70
CA ASP A 28 18.09 -8.40 26.39
C ASP A 28 16.75 -8.30 25.68
N LYS A 29 16.62 -7.42 24.68
CA LYS A 29 15.36 -7.23 23.96
C LYS A 29 15.71 -6.97 22.50
N ILE A 30 15.28 -7.88 21.62
CA ILE A 30 15.63 -7.81 20.22
C ILE A 30 14.36 -7.93 19.40
N ILE A 31 14.16 -7.00 18.47
CA ILE A 31 13.06 -7.02 17.54
C ILE A 31 13.63 -7.27 16.15
N TYR A 32 13.40 -8.45 15.60
CA TYR A 32 13.83 -8.79 14.25
C TYR A 32 12.72 -8.57 13.23
N TYR A 33 13.07 -7.88 12.14
CA TYR A 33 12.18 -7.66 11.01
C TYR A 33 12.88 -8.12 9.74
N GLY A 34 12.29 -9.10 9.05
CA GLY A 34 12.75 -9.52 7.74
C GLY A 34 11.73 -9.17 6.68
N ASP A 35 12.20 -8.50 5.63
CA ASP A 35 11.34 -8.08 4.51
C ASP A 35 11.14 -9.23 3.51
N SER A 36 10.65 -10.36 4.04
CA SER A 36 10.56 -11.59 3.27
C SER A 36 9.59 -11.52 2.10
N ALA A 37 8.64 -10.58 2.10
CA ALA A 37 7.85 -10.42 0.88
C ALA A 37 8.65 -9.96 -0.30
N ARG A 38 9.78 -9.27 -0.10
CA ARG A 38 10.46 -8.62 -1.20
C ARG A 38 11.89 -9.10 -1.41
N VAL A 39 12.40 -10.00 -0.55
CA VAL A 39 13.75 -10.54 -0.70
C VAL A 39 13.84 -11.30 -2.03
N PRO A 40 14.98 -11.36 -2.72
CA PRO A 40 16.23 -10.68 -2.36
C PRO A 40 16.34 -9.21 -2.80
N TYR A 41 17.18 -8.49 -2.08
CA TYR A 41 17.53 -7.12 -2.42
C TYR A 41 18.69 -7.10 -3.39
N GLY A 42 19.58 -8.10 -3.30
CA GLY A 42 20.87 -8.03 -3.94
C GLY A 42 20.82 -7.98 -5.45
N THR A 43 19.75 -8.49 -6.05
CA THR A 43 19.63 -8.54 -7.50
C THR A 43 18.96 -7.29 -8.06
N LYS A 44 18.65 -6.34 -7.19
CA LYS A 44 17.85 -5.18 -7.53
C LYS A 44 18.71 -3.91 -7.58
N ASP A 45 18.05 -2.80 -7.93
CA ASP A 45 18.75 -1.57 -8.24
C ASP A 45 18.90 -0.68 -7.02
N PRO A 46 19.88 0.22 -7.02
CA PRO A 46 20.07 1.13 -5.87
C PRO A 46 18.85 1.89 -5.45
N THR A 47 18.10 2.45 -6.41
CA THR A 47 16.94 3.26 -6.06
C THR A 47 15.93 2.45 -5.25
N THR A 48 15.64 1.25 -5.73
CA THR A 48 14.71 0.36 -5.05
C THR A 48 15.20 0.03 -3.64
N ILE A 49 16.48 -0.30 -3.52
CA ILE A 49 17.02 -0.74 -2.23
C ILE A 49 17.03 0.39 -1.23
N LYS A 50 17.39 1.62 -1.68
CA LYS A 50 17.33 2.76 -0.77
C LYS A 50 15.92 2.96 -0.24
N GLN A 51 14.93 2.81 -1.09
CA GLN A 51 13.57 3.02 -0.61
C GLN A 51 13.16 1.92 0.38
N PHE A 52 13.53 0.67 0.07
CA PHE A 52 13.34 -0.42 1.01
C PHE A 52 13.90 -0.08 2.38
N GLY A 53 15.11 0.49 2.42
CA GLY A 53 15.73 0.77 3.70
C GLY A 53 14.98 1.84 4.46
N LEU A 54 14.48 2.87 3.77
CA LEU A 54 13.68 3.86 4.49
C LEU A 54 12.41 3.25 5.03
N GLU A 55 11.78 2.35 4.27
CA GLU A 55 10.55 1.74 4.73
C GLU A 55 10.81 0.84 5.93
N ALA A 56 12.01 0.29 6.03
CA ALA A 56 12.35 -0.47 7.22
C ALA A 56 12.30 0.41 8.47
N LEU A 57 12.76 1.66 8.37
CA LEU A 57 12.66 2.54 9.54
C LEU A 57 11.21 2.74 9.95
N ASP A 58 10.31 2.87 8.98
CA ASP A 58 8.90 3.02 9.32
C ASP A 58 8.42 1.84 10.15
N PHE A 59 8.92 0.64 9.85
CA PHE A 59 8.46 -0.53 10.60
C PHE A 59 8.84 -0.42 12.07
N PHE A 60 10.04 0.05 12.37
CA PHE A 60 10.57 0.02 13.72
C PHE A 60 10.12 1.21 14.56
N LYS A 61 9.61 2.26 13.93
CA LYS A 61 9.19 3.45 14.66
C LYS A 61 8.32 3.13 15.86
N PRO A 62 7.22 2.40 15.74
CA PRO A 62 6.39 2.19 16.94
C PRO A 62 7.04 1.32 17.98
N HIS A 63 8.15 0.64 17.66
CA HIS A 63 8.73 -0.30 18.62
C HIS A 63 9.63 0.36 19.64
N LYS A 64 9.90 1.65 19.49
CA LYS A 64 10.77 2.39 20.41
C LYS A 64 12.09 1.65 20.64
N ILE A 65 12.76 1.30 19.55
CA ILE A 65 14.10 0.73 19.66
C ILE A 65 15.09 1.87 19.87
N GLU A 66 16.21 1.56 20.51
CA GLU A 66 17.25 2.57 20.76
C GLU A 66 18.44 2.42 19.83
N LEU A 67 18.51 1.33 19.09
CA LEU A 67 19.58 1.11 18.12
C LEU A 67 19.06 0.15 17.07
N LEU A 68 19.39 0.42 15.82
CA LEU A 68 19.03 -0.46 14.71
C LEU A 68 20.27 -1.08 14.13
N ILE A 69 20.31 -2.41 14.08
CA ILE A 69 21.32 -3.14 13.35
C ILE A 69 20.76 -3.45 11.96
N VAL A 70 21.47 -3.01 10.93
CA VAL A 70 21.14 -3.41 9.56
C VAL A 70 22.01 -4.63 9.27
N ALA A 71 21.43 -5.80 9.48
CA ALA A 71 22.17 -7.05 9.33
C ALA A 71 22.46 -7.35 7.89
N CYS A 72 21.66 -6.80 6.99
CA CYS A 72 21.81 -7.05 5.57
C CYS A 72 22.99 -6.28 5.02
N ASN A 73 23.90 -6.99 4.37
CA ASN A 73 25.03 -6.33 3.74
C ASN A 73 24.58 -5.49 2.55
N THR A 74 23.54 -5.93 1.84
CA THR A 74 23.09 -5.18 0.66
C THR A 74 22.46 -3.85 1.09
N ALA A 75 21.52 -3.90 2.04
CA ALA A 75 20.96 -2.68 2.57
C ALA A 75 22.03 -1.85 3.28
N SER A 76 23.00 -2.49 3.91
CA SER A 76 24.08 -1.72 4.51
C SER A 76 24.85 -0.96 3.44
N ALA A 77 25.12 -1.61 2.29
CA ALA A 77 25.96 -0.98 1.26
C ALA A 77 25.22 0.15 0.54
N LEU A 78 23.92 -0.01 0.33
CA LEU A 78 23.14 0.88 -0.51
C LEU A 78 22.24 1.86 0.24
N ALA A 79 21.72 1.51 1.43
CA ALA A 79 20.66 2.27 2.05
C ALA A 79 21.03 2.92 3.36
N LEU A 80 22.19 2.61 3.90
CA LEU A 80 22.47 2.91 5.29
C LEU A 80 22.65 4.41 5.50
N GLU A 81 23.37 5.04 4.58
CA GLU A 81 23.59 6.48 4.66
C GLU A 81 22.26 7.21 4.64
N GLU A 82 21.38 6.85 3.71
CA GLU A 82 20.07 7.48 3.67
C GLU A 82 19.25 7.15 4.91
N MET A 83 19.39 5.95 5.47
CA MET A 83 18.60 5.67 6.66
C MET A 83 19.11 6.48 7.84
N GLN A 84 20.41 6.68 7.94
CA GLN A 84 20.96 7.42 9.06
C GLN A 84 20.58 8.90 9.00
N LYS A 85 20.54 9.46 7.78
CA LYS A 85 20.13 10.86 7.61
C LYS A 85 18.73 11.10 8.17
N HIS A 86 17.87 10.09 8.14
CA HIS A 86 16.47 10.23 8.51
C HIS A 86 16.15 9.42 9.76
N SER A 87 17.06 9.47 10.74
CA SER A 87 16.98 8.59 11.90
C SER A 87 17.47 9.31 13.15
N LYS A 88 16.66 9.27 14.20
CA LYS A 88 17.04 9.85 15.48
C LYS A 88 17.78 8.87 16.39
N ILE A 89 17.97 7.61 15.98
CA ILE A 89 18.72 6.62 16.74
C ILE A 89 19.95 6.19 15.94
N PRO A 90 20.93 5.60 16.60
CA PRO A 90 22.05 5.05 15.84
C PRO A 90 21.60 3.86 15.02
N ILE A 91 22.10 3.81 13.80
CA ILE A 91 21.93 2.68 12.91
C ILE A 91 23.32 2.17 12.59
N VAL A 92 23.55 0.89 12.86
CA VAL A 92 24.84 0.25 12.65
C VAL A 92 24.64 -0.83 11.58
N GLY A 93 25.35 -0.72 10.46
CA GLY A 93 25.36 -1.75 9.44
C GLY A 93 26.53 -2.71 9.61
N VAL A 94 26.63 -3.65 8.67
CA VAL A 94 27.58 -4.73 8.81
C VAL A 94 28.83 -4.56 7.96
N ILE A 95 28.98 -3.45 7.23
CA ILE A 95 30.19 -3.24 6.45
C ILE A 95 31.31 -2.62 7.29
N GLU A 96 31.04 -1.49 7.92
CA GLU A 96 32.09 -0.83 8.70
C GLU A 96 32.66 -1.70 9.81
N PRO A 97 31.86 -2.42 10.60
CA PRO A 97 32.46 -3.32 11.59
C PRO A 97 33.39 -4.34 10.98
N SER A 98 33.14 -4.78 9.74
CA SER A 98 34.05 -5.75 9.13
C SER A 98 35.35 -5.06 8.68
N ILE A 99 35.29 -3.78 8.36
CA ILE A 99 36.54 -3.08 8.02
C ILE A 99 37.41 -3.01 9.26
N LEU A 100 36.80 -2.74 10.42
CA LEU A 100 37.54 -2.76 11.68
C LEU A 100 38.11 -4.13 11.97
N ALA A 101 37.32 -5.18 11.76
CA ALA A 101 37.85 -6.53 11.96
C ALA A 101 39.06 -6.78 11.07
N ILE A 102 39.03 -6.30 9.81
CA ILE A 102 40.15 -6.51 8.91
C ILE A 102 41.39 -5.75 9.41
N LYS A 103 41.19 -4.48 9.76
CA LYS A 103 42.26 -3.72 10.40
C LYS A 103 42.90 -4.50 11.54
N GLN A 104 42.08 -5.03 12.45
CA GLN A 104 42.63 -5.71 13.61
C GLN A 104 43.33 -7.00 13.20
N GLN A 105 42.76 -7.73 12.25
CA GLN A 105 43.18 -9.12 12.03
C GLN A 105 44.15 -9.29 10.88
N VAL A 106 44.29 -8.28 10.03
CA VAL A 106 45.06 -8.38 8.79
C VAL A 106 45.98 -7.18 8.77
N LYS A 107 47.17 -7.32 9.36
CA LYS A 107 48.12 -6.21 9.39
C LYS A 107 48.88 -6.06 8.05
N ASP A 108 48.99 -7.12 7.26
CA ASP A 108 49.67 -7.02 5.95
C ASP A 108 48.75 -6.30 4.96
N LYS A 109 48.97 -4.99 4.72
CA LYS A 109 48.07 -4.23 3.86
C LYS A 109 48.18 -4.62 2.39
N ASN A 110 49.04 -5.56 2.03
CA ASN A 110 49.13 -6.06 0.67
C ASN A 110 48.63 -7.50 0.59
N ALA A 111 48.09 -8.03 1.68
CA ALA A 111 47.51 -9.37 1.62
C ALA A 111 46.38 -9.38 0.59
N PRO A 112 46.29 -10.41 -0.24
CA PRO A 112 45.14 -10.46 -1.17
C PRO A 112 43.85 -10.74 -0.41
N ILE A 113 42.94 -9.77 -0.46
CA ILE A 113 41.62 -9.84 0.15
C ILE A 113 40.57 -9.98 -0.96
N LEU A 114 39.65 -10.93 -0.79
CA LEU A 114 38.55 -11.14 -1.73
C LEU A 114 37.22 -10.84 -1.02
N VAL A 115 36.44 -9.93 -1.60
CA VAL A 115 35.13 -9.55 -1.09
C VAL A 115 34.07 -10.33 -1.84
N LEU A 116 33.26 -11.10 -1.13
CA LEU A 116 32.14 -11.81 -1.73
C LEU A 116 30.84 -11.14 -1.31
N GLY A 117 29.87 -11.10 -2.21
CA GLY A 117 28.65 -10.37 -1.89
C GLY A 117 27.61 -10.59 -2.97
N THR A 118 26.45 -9.98 -2.75
CA THR A 118 25.47 -9.89 -3.80
C THR A 118 25.94 -8.98 -4.92
N LYS A 119 25.22 -9.05 -6.03
CA LYS A 119 25.54 -8.16 -7.14
C LYS A 119 25.46 -6.70 -6.71
N ALA A 120 24.40 -6.32 -5.99
CA ALA A 120 24.29 -4.90 -5.61
C ALA A 120 25.41 -4.51 -4.64
N THR A 121 25.74 -5.39 -3.70
CA THR A 121 26.81 -5.06 -2.75
C THR A 121 28.14 -4.89 -3.46
N ILE A 122 28.44 -5.79 -4.38
CA ILE A 122 29.73 -5.73 -5.07
C ILE A 122 29.78 -4.54 -6.03
N GLN A 123 28.70 -4.31 -6.79
CA GLN A 123 28.67 -3.19 -7.72
C GLN A 123 28.71 -1.84 -7.00
N SER A 124 28.35 -1.77 -5.71
CA SER A 124 28.43 -0.53 -4.97
C SER A 124 29.87 -0.16 -4.58
N ASN A 125 30.80 -1.09 -4.69
CA ASN A 125 32.17 -0.92 -4.19
C ASN A 125 32.22 -0.43 -2.75
N ALA A 126 31.16 -0.64 -1.96
CA ALA A 126 31.22 -0.27 -0.55
C ALA A 126 32.47 -0.81 0.15
N TYR A 127 32.78 -2.11 -0.03
CA TYR A 127 33.91 -2.70 0.68
C TYR A 127 35.23 -2.19 0.11
N ASP A 128 35.36 -2.24 -1.21
CA ASP A 128 36.61 -1.81 -1.85
C ASP A 128 36.99 -0.41 -1.43
N ASN A 129 36.02 0.50 -1.40
CA ASN A 129 36.35 1.88 -1.08
C ASN A 129 36.81 1.99 0.37
N ALA A 130 36.11 1.34 1.28
CA ALA A 130 36.48 1.45 2.68
C ALA A 130 37.81 0.80 2.94
N LEU A 131 38.11 -0.27 2.19
CA LEU A 131 39.38 -0.97 2.38
C LEU A 131 40.53 -0.16 1.80
N LYS A 132 40.31 0.49 0.65
CA LYS A 132 41.32 1.36 0.06
C LYS A 132 41.62 2.54 0.98
N GLN A 133 40.58 3.12 1.59
CA GLN A 133 40.76 4.23 2.53
C GLN A 133 41.58 3.84 3.75
N GLN A 134 41.67 2.55 4.07
CA GLN A 134 42.46 2.08 5.20
C GLN A 134 43.81 1.52 4.76
N GLY A 135 44.16 1.69 3.48
CA GLY A 135 45.48 1.34 2.99
C GLY A 135 45.61 -0.04 2.38
N TYR A 136 44.53 -0.82 2.30
CA TYR A 136 44.63 -2.11 1.65
C TYR A 136 44.69 -1.93 0.15
N LEU A 137 45.68 -2.60 -0.45
CA LEU A 137 46.09 -2.41 -1.83
C LEU A 137 45.85 -3.62 -2.71
N ASN A 138 45.55 -4.77 -2.14
CA ASN A 138 45.37 -6.01 -2.89
C ASN A 138 43.96 -6.52 -2.64
N VAL A 139 42.95 -5.77 -3.12
CA VAL A 139 41.53 -5.99 -2.84
C VAL A 139 40.84 -6.40 -4.14
N SER A 140 40.27 -7.61 -4.17
CA SER A 140 39.43 -8.09 -5.26
C SER A 140 38.00 -8.32 -4.77
N HIS A 141 37.05 -8.27 -5.70
CA HIS A 141 35.64 -8.44 -5.37
C HIS A 141 35.00 -9.39 -6.37
N LEU A 142 33.94 -10.07 -5.92
CA LEU A 142 33.28 -11.10 -6.71
C LEU A 142 31.84 -11.21 -6.24
N ALA A 143 30.91 -10.90 -7.13
CA ALA A 143 29.50 -11.15 -6.87
C ALA A 143 29.22 -12.63 -7.08
N THR A 144 28.64 -13.26 -6.06
CA THR A 144 28.32 -14.68 -6.11
C THR A 144 26.81 -14.84 -5.87
N SER A 145 26.02 -14.34 -6.81
CA SER A 145 24.58 -14.18 -6.58
C SER A 145 23.88 -15.50 -6.24
N LEU A 146 24.22 -16.58 -6.95
CA LEU A 146 23.45 -17.81 -6.78
C LEU A 146 23.69 -18.49 -5.44
N PHE A 147 24.73 -18.09 -4.70
CA PHE A 147 24.90 -18.63 -3.36
C PHE A 147 23.67 -18.35 -2.51
N VAL A 148 23.04 -17.18 -2.71
CA VAL A 148 21.90 -16.82 -1.86
C VAL A 148 20.78 -17.82 -2.06
N PRO A 149 20.25 -18.04 -3.28
CA PRO A 149 19.13 -19.00 -3.41
C PRO A 149 19.54 -20.42 -3.09
N LEU A 150 20.79 -20.78 -3.37
CA LEU A 150 21.26 -22.09 -2.98
C LEU A 150 21.14 -22.28 -1.48
N ILE A 151 21.57 -21.28 -0.72
CA ILE A 151 21.57 -21.42 0.73
C ILE A 151 20.16 -21.40 1.24
N GLU A 152 19.26 -20.63 0.61
CA GLU A 152 17.87 -20.65 1.06
C GLU A 152 17.16 -21.96 0.73
N GLU A 153 17.63 -22.73 -0.25
CA GLU A 153 17.14 -24.09 -0.48
C GLU A 153 17.79 -25.11 0.44
N ASN A 154 18.70 -24.68 1.32
CA ASN A 154 19.40 -25.56 2.27
C ASN A 154 20.33 -26.52 1.54
N ILE A 155 20.96 -26.01 0.48
CA ILE A 155 21.94 -26.75 -0.29
C ILE A 155 23.29 -26.22 0.17
N LEU A 156 23.79 -26.82 1.24
CA LEU A 156 25.01 -26.40 1.90
C LEU A 156 26.15 -27.38 1.68
N GLU A 157 25.93 -28.39 0.84
CA GLU A 157 26.91 -29.41 0.56
C GLU A 157 26.51 -30.08 -0.74
N GLY A 158 27.43 -30.86 -1.27
CA GLY A 158 27.10 -31.67 -2.41
C GLY A 158 27.63 -31.10 -3.71
N GLU A 159 27.31 -31.83 -4.75
CA GLU A 159 27.79 -31.58 -6.10
C GLU A 159 27.36 -30.22 -6.62
N LEU A 160 26.11 -29.83 -6.36
CA LEU A 160 25.60 -28.60 -6.92
C LEU A 160 26.31 -27.39 -6.30
N LEU A 161 26.51 -27.40 -4.97
CA LEU A 161 27.29 -26.32 -4.36
C LEU A 161 28.74 -26.34 -4.85
N GLU A 162 29.36 -27.52 -4.94
CA GLU A 162 30.73 -27.57 -5.44
C GLU A 162 30.82 -26.96 -6.84
N THR A 163 29.86 -27.29 -7.73
CA THR A 163 29.91 -26.76 -9.10
C THR A 163 29.66 -25.26 -9.14
N CYS A 164 28.82 -24.75 -8.23
CA CYS A 164 28.59 -23.32 -8.16
C CYS A 164 29.84 -22.59 -7.68
N MET A 165 30.51 -23.15 -6.67
CA MET A 165 31.74 -22.58 -6.17
C MET A 165 32.79 -22.54 -7.28
N ARG A 166 32.90 -23.65 -8.02
CA ARG A 166 33.80 -23.73 -9.16
C ARG A 166 33.44 -22.66 -10.19
N TYR A 167 32.15 -22.51 -10.47
CA TYR A 167 31.71 -21.55 -11.45
C TYR A 167 32.14 -20.13 -11.10
N TYR A 168 32.01 -19.74 -9.83
CA TYR A 168 32.34 -18.38 -9.46
C TYR A 168 33.83 -18.18 -9.21
N PHE A 169 34.50 -19.21 -8.66
CA PHE A 169 35.87 -19.08 -8.17
C PHE A 169 36.95 -19.41 -9.21
N THR A 170 36.71 -20.34 -10.14
CA THR A 170 37.74 -20.64 -11.13
C THR A 170 38.28 -19.42 -11.87
N PRO A 171 37.51 -18.42 -12.23
CA PRO A 171 38.10 -17.26 -12.93
C PRO A 171 38.94 -16.31 -12.10
N LEU A 172 39.22 -16.64 -10.83
CA LEU A 172 39.96 -15.71 -9.99
C LEU A 172 41.46 -15.76 -10.33
N GLU A 173 42.05 -14.59 -10.56
CA GLU A 173 43.50 -14.53 -10.80
C GLU A 173 44.27 -14.81 -9.51
N ILE A 174 43.96 -14.05 -8.45
CA ILE A 174 44.72 -14.06 -7.20
C ILE A 174 44.13 -15.10 -6.26
N LEU A 175 44.99 -15.92 -5.66
CA LEU A 175 44.58 -16.73 -4.53
C LEU A 175 44.41 -15.82 -3.31
N PRO A 176 43.26 -15.84 -2.63
CA PRO A 176 43.10 -14.95 -1.48
C PRO A 176 43.63 -15.54 -0.18
N GLU A 177 44.19 -14.65 0.65
CA GLU A 177 44.55 -14.96 2.02
C GLU A 177 43.44 -14.59 2.99
N VAL A 178 42.53 -13.69 2.57
CA VAL A 178 41.42 -13.21 3.38
C VAL A 178 40.18 -13.20 2.49
N VAL A 179 39.08 -13.80 2.94
CA VAL A 179 37.80 -13.75 2.23
C VAL A 179 36.78 -13.05 3.11
N ILE A 180 36.17 -11.98 2.59
CA ILE A 180 35.15 -11.26 3.33
C ILE A 180 33.79 -11.83 2.97
N LEU A 181 33.07 -12.33 3.96
CA LEU A 181 31.75 -12.91 3.74
C LEU A 181 30.73 -11.80 3.77
N GLY A 182 30.68 -11.04 2.69
CA GLY A 182 29.97 -9.76 2.66
C GLY A 182 28.50 -9.94 2.32
N CYS A 183 27.89 -11.00 2.86
CA CYS A 183 26.49 -11.31 2.64
C CYS A 183 26.01 -12.16 3.81
N THR A 184 24.80 -11.89 4.27
CA THR A 184 24.26 -12.59 5.44
C THR A 184 24.29 -14.09 5.29
N HIS A 185 24.18 -14.58 4.07
CA HIS A 185 23.96 -16.00 3.90
C HIS A 185 25.26 -16.80 3.95
N PHE A 186 26.39 -16.16 3.65
CA PHE A 186 27.58 -16.91 3.31
C PHE A 186 28.22 -17.61 4.51
N PRO A 187 28.00 -17.19 5.77
CA PRO A 187 28.49 -18.01 6.89
C PRO A 187 28.03 -19.45 6.82
N LEU A 188 26.86 -19.74 6.21
CA LEU A 188 26.39 -21.11 6.22
C LEU A 188 27.19 -22.03 5.28
N ILE A 189 28.04 -21.48 4.40
CA ILE A 189 28.94 -22.26 3.55
C ILE A 189 30.40 -21.86 3.80
N ALA A 190 30.66 -21.29 4.97
CA ALA A 190 32.02 -20.84 5.30
C ALA A 190 33.02 -21.99 5.23
N GLN A 191 32.67 -23.14 5.80
CA GLN A 191 33.63 -24.25 5.77
C GLN A 191 33.80 -24.80 4.37
N LYS A 192 32.74 -24.76 3.56
CA LYS A 192 32.85 -25.24 2.18
C LYS A 192 33.72 -24.31 1.35
N ILE A 193 33.62 -23.00 1.57
CA ILE A 193 34.49 -22.05 0.88
C ILE A 193 35.93 -22.25 1.31
N GLU A 194 36.15 -22.46 2.60
CA GLU A 194 37.50 -22.77 3.07
C GLU A 194 37.98 -24.08 2.47
N GLY A 195 37.13 -25.10 2.48
CA GLY A 195 37.54 -26.37 1.92
C GLY A 195 37.81 -26.30 0.43
N TYR A 196 37.11 -25.40 -0.28
CA TYR A 196 37.32 -25.24 -1.71
C TYR A 196 38.72 -24.74 -1.98
N PHE A 197 39.17 -23.76 -1.20
CA PHE A 197 40.47 -23.18 -1.48
C PHE A 197 41.59 -24.12 -1.04
N MET A 198 41.43 -24.80 0.10
CA MET A 198 42.45 -25.78 0.48
C MET A 198 42.57 -26.89 -0.56
N GLU A 199 41.44 -27.38 -1.04
CA GLU A 199 41.47 -28.50 -1.98
C GLU A 199 42.13 -28.10 -3.30
N HIS A 200 41.77 -26.95 -3.86
CA HIS A 200 42.15 -26.63 -5.23
C HIS A 200 43.46 -25.86 -5.32
N PHE A 201 43.99 -25.34 -4.22
CA PHE A 201 45.28 -24.67 -4.25
C PHE A 201 46.28 -25.25 -3.26
N ALA A 202 46.05 -26.49 -2.84
CA ALA A 202 47.01 -27.25 -2.02
C ALA A 202 47.42 -26.46 -0.79
N LEU A 203 46.51 -25.64 -0.29
CA LEU A 203 46.73 -24.97 0.97
C LEU A 203 46.62 -25.95 2.12
N SER A 204 47.46 -25.75 3.13
CA SER A 204 47.38 -26.47 4.39
C SER A 204 46.41 -25.81 5.36
N THR A 205 46.29 -24.48 5.29
CA THR A 205 45.39 -23.72 6.12
C THR A 205 44.55 -22.81 5.22
N PRO A 206 43.25 -22.73 5.47
CA PRO A 206 42.39 -21.98 4.56
C PRO A 206 42.63 -20.49 4.68
N PRO A 207 42.18 -19.71 3.73
CA PRO A 207 42.19 -18.26 3.91
C PRO A 207 41.36 -17.90 5.14
N LEU A 208 41.60 -16.69 5.65
CA LEU A 208 40.88 -16.17 6.80
C LEU A 208 39.52 -15.67 6.32
N LEU A 209 38.43 -16.19 6.88
CA LEU A 209 37.11 -15.67 6.54
C LEU A 209 36.64 -14.64 7.58
N ILE A 210 36.15 -13.50 7.10
CA ILE A 210 35.59 -12.45 7.95
C ILE A 210 34.07 -12.62 7.99
N HIS A 211 33.52 -12.76 9.19
CA HIS A 211 32.09 -13.07 9.40
C HIS A 211 31.41 -11.76 9.84
N SER A 212 30.36 -11.36 9.10
CA SER A 212 29.78 -10.05 9.34
C SER A 212 29.15 -9.98 10.72
N GLY A 213 28.50 -11.07 11.13
CA GLY A 213 27.85 -11.06 12.41
C GLY A 213 28.84 -10.94 13.55
N ASP A 214 29.96 -11.66 13.46
CA ASP A 214 30.92 -11.62 14.55
C ASP A 214 31.57 -10.24 14.66
N ALA A 215 31.86 -9.62 13.52
CA ALA A 215 32.47 -8.30 13.51
C ALA A 215 31.53 -7.25 14.11
N ILE A 216 30.23 -7.33 13.84
CA ILE A 216 29.38 -6.28 14.40
C ILE A 216 29.18 -6.51 15.89
N VAL A 217 29.12 -7.75 16.33
CA VAL A 217 29.06 -8.01 17.76
C VAL A 217 30.27 -7.41 18.48
N GLU A 218 31.46 -7.58 17.90
CA GLU A 218 32.68 -7.06 18.50
C GLU A 218 32.63 -5.54 18.58
N TYR A 219 32.21 -4.90 17.49
CA TYR A 219 32.10 -3.45 17.46
C TYR A 219 31.11 -2.98 18.51
N LEU A 220 29.94 -3.62 18.60
CA LEU A 220 28.94 -3.10 19.52
C LEU A 220 29.38 -3.27 20.96
N GLN A 221 30.05 -4.40 21.26
CA GLN A 221 30.58 -4.63 22.59
C GLN A 221 31.46 -3.47 23.03
N GLN A 222 32.45 -3.13 22.19
CA GLN A 222 33.33 -2.02 22.48
C GLN A 222 32.57 -0.70 22.55
N LYS A 223 31.75 -0.40 21.53
CA LYS A 223 31.16 0.94 21.44
C LYS A 223 30.17 1.22 22.58
N TYR A 224 29.53 0.20 23.13
CA TYR A 224 28.48 0.41 24.12
C TYR A 224 28.83 -0.17 25.48
N THR A 225 30.05 -0.66 25.65
CA THR A 225 30.54 -1.19 26.92
C THR A 225 29.57 -2.24 27.46
N LEU A 226 29.33 -3.25 26.62
CA LEU A 226 28.39 -4.31 26.93
C LEU A 226 29.12 -5.49 27.55
N LYS A 227 28.61 -5.95 28.69
CA LYS A 227 29.14 -7.16 29.30
C LYS A 227 28.70 -8.38 28.50
N LYS A 228 29.66 -9.22 28.14
CA LYS A 228 29.32 -10.47 27.48
C LYS A 228 28.70 -11.45 28.47
N ASN A 229 27.83 -12.32 27.97
CA ASN A 229 27.17 -13.34 28.78
C ASN A 229 26.31 -12.75 29.88
N ALA A 230 25.88 -11.51 29.74
CA ALA A 230 25.07 -10.87 30.76
C ALA A 230 23.58 -11.13 30.56
N CYS A 231 23.13 -11.38 29.33
CA CYS A 231 21.71 -11.49 29.00
C CYS A 231 21.49 -12.91 28.50
N THR A 232 21.20 -13.83 29.42
CA THR A 232 21.12 -15.23 29.03
C THR A 232 19.73 -15.65 28.56
N PHE A 233 18.70 -14.86 28.85
CA PHE A 233 17.31 -15.17 28.52
C PHE A 233 16.68 -13.94 27.88
N PRO A 234 17.17 -13.56 26.69
CA PRO A 234 16.64 -12.38 26.00
C PRO A 234 15.22 -12.59 25.53
N LYS A 235 14.54 -11.48 25.33
CA LYS A 235 13.27 -11.48 24.61
C LYS A 235 13.57 -11.18 23.15
N VAL A 236 13.08 -12.02 22.25
CA VAL A 236 13.28 -11.90 20.82
C VAL A 236 11.90 -12.01 20.19
N GLU A 237 11.50 -10.98 19.43
CA GLU A 237 10.26 -10.94 18.68
C GLU A 237 10.61 -11.01 17.19
N PHE A 238 9.87 -11.82 16.43
CA PHE A 238 10.06 -11.91 14.98
C PHE A 238 8.91 -11.27 14.21
N HIS A 239 9.28 -10.52 13.19
CA HIS A 239 8.33 -9.81 12.35
C HIS A 239 8.78 -9.99 10.91
N ALA A 240 7.81 -9.96 10.00
CA ALA A 240 8.10 -10.10 8.57
C ALA A 240 7.01 -9.41 7.74
N SER A 241 7.40 -9.01 6.52
CA SER A 241 6.46 -8.56 5.50
C SER A 241 5.75 -9.72 4.81
N GLY A 242 6.37 -10.90 4.73
CA GLY A 242 5.69 -12.10 4.29
C GLY A 242 5.12 -12.81 5.49
N ASP A 243 4.92 -14.12 5.34
CA ASP A 243 4.28 -14.91 6.39
C ASP A 243 5.21 -15.05 7.59
N VAL A 244 4.72 -14.63 8.77
CA VAL A 244 5.60 -14.60 9.95
C VAL A 244 5.91 -16.01 10.44
N VAL A 245 4.95 -16.93 10.32
CA VAL A 245 5.21 -18.30 10.73
C VAL A 245 6.29 -18.93 9.89
N TRP A 246 6.28 -18.64 8.57
CA TRP A 246 7.34 -19.14 7.72
C TRP A 246 8.68 -18.61 8.18
N LEU A 247 8.74 -17.30 8.49
CA LEU A 247 10.02 -16.73 8.89
C LEU A 247 10.48 -17.32 10.22
N GLU A 248 9.54 -17.60 11.13
CA GLU A 248 9.90 -18.15 12.46
C GLU A 248 10.40 -19.58 12.34
N LYS A 249 9.80 -20.35 11.45
CA LYS A 249 10.31 -21.69 11.20
C LYS A 249 11.73 -21.64 10.68
N GLN A 250 12.04 -20.69 9.79
CA GLN A 250 13.41 -20.60 9.32
C GLN A 250 14.33 -20.10 10.43
N ALA A 251 13.84 -19.25 11.34
CA ALA A 251 14.67 -18.83 12.44
C ALA A 251 15.11 -20.02 13.27
N LYS A 252 14.17 -20.94 13.49
CA LYS A 252 14.50 -22.15 14.25
C LYS A 252 15.69 -22.88 13.63
N GLU A 253 15.72 -22.95 12.30
CA GLU A 253 16.79 -23.66 11.60
C GLU A 253 18.09 -22.88 11.64
N TRP A 254 18.04 -21.58 11.31
CA TRP A 254 19.26 -20.79 11.25
C TRP A 254 19.89 -20.56 12.62
N LEU A 255 19.10 -20.51 13.67
CA LEU A 255 19.64 -20.26 14.98
C LEU A 255 20.02 -21.53 15.72
N LYS A 256 19.70 -22.70 15.17
CA LYS A 256 20.03 -23.96 15.86
C LYS A 256 21.54 -24.04 16.11
N SER B 1 -7.56 -7.14 -32.09
CA SER B 1 -6.86 -6.16 -32.97
C SER B 1 -7.17 -4.74 -32.50
N HIS B 2 -7.88 -4.64 -31.36
CA HIS B 2 -8.32 -3.35 -30.87
C HIS B 2 -8.35 -3.27 -29.34
N MET B 3 -8.46 -4.39 -28.62
CA MET B 3 -8.48 -4.35 -27.16
C MET B 3 -7.15 -3.81 -26.62
N LYS B 4 -7.23 -2.90 -25.65
CA LYS B 4 -6.06 -2.52 -24.86
C LYS B 4 -5.86 -3.59 -23.81
N ILE B 5 -4.73 -4.27 -23.85
CA ILE B 5 -4.53 -5.36 -22.89
C ILE B 5 -3.38 -5.05 -21.96
N GLY B 6 -3.43 -5.64 -20.78
CA GLY B 6 -2.30 -5.62 -19.87
C GLY B 6 -1.69 -7.00 -19.76
N VAL B 7 -0.41 -7.04 -19.50
CA VAL B 7 0.29 -8.26 -19.22
C VAL B 7 1.00 -8.07 -17.89
N PHE B 8 0.75 -8.96 -16.94
CA PHE B 8 1.34 -8.89 -15.62
C PHE B 8 2.25 -10.07 -15.32
N ASP B 9 3.44 -9.76 -14.82
CA ASP B 9 4.35 -10.79 -14.34
C ASP B 9 5.10 -10.26 -13.12
N SER B 10 5.69 -11.18 -12.35
CA SER B 10 6.48 -10.75 -11.20
C SER B 10 7.73 -10.01 -11.61
N GLY B 11 8.16 -10.14 -12.85
CA GLY B 11 9.41 -9.53 -13.24
C GLY B 11 9.66 -9.58 -14.74
N VAL B 12 10.74 -10.23 -15.14
CA VAL B 12 11.10 -10.26 -16.56
C VAL B 12 10.74 -11.58 -17.20
N GLY B 13 10.42 -12.60 -16.39
CA GLY B 13 10.03 -13.86 -16.96
C GLY B 13 8.85 -13.78 -17.90
N GLY B 14 7.90 -12.88 -17.62
CA GLY B 14 6.71 -12.75 -18.44
C GLY B 14 7.01 -12.37 -19.88
N PHE B 15 8.22 -11.89 -20.17
CA PHE B 15 8.62 -11.71 -21.55
C PHE B 15 8.56 -13.00 -22.38
N SER B 16 8.59 -14.16 -21.75
CA SER B 16 8.41 -15.36 -22.57
C SER B 16 6.99 -15.44 -23.09
N VAL B 17 6.02 -14.96 -22.29
CA VAL B 17 4.64 -14.90 -22.75
C VAL B 17 4.46 -13.76 -23.75
N LEU B 18 5.11 -12.62 -23.49
CA LEU B 18 5.02 -11.49 -24.40
C LEU B 18 5.58 -11.86 -25.76
N LYS B 19 6.64 -12.67 -25.79
CA LYS B 19 7.20 -13.14 -27.07
C LYS B 19 6.15 -13.88 -27.87
N SER B 20 5.49 -14.85 -27.24
CA SER B 20 4.42 -15.58 -27.93
C SER B 20 3.34 -14.65 -28.43
N LEU B 21 2.94 -13.67 -27.60
CA LEU B 21 1.91 -12.72 -27.98
C LEU B 21 2.35 -11.91 -29.20
N LEU B 22 3.58 -11.40 -29.17
CA LEU B 22 4.00 -10.52 -30.26
C LEU B 22 4.09 -11.31 -31.56
N LYS B 23 4.57 -12.54 -31.50
CA LYS B 23 4.69 -13.34 -32.72
C LYS B 23 3.33 -13.57 -33.35
N ALA B 24 2.28 -13.74 -32.53
CA ALA B 24 0.95 -14.02 -33.06
C ALA B 24 0.33 -12.76 -33.69
N GLN B 25 0.82 -11.60 -33.33
CA GLN B 25 0.39 -10.33 -33.94
C GLN B 25 -1.13 -10.19 -33.90
N ILE B 26 -1.69 -10.48 -32.72
CA ILE B 26 -3.12 -10.47 -32.49
C ILE B 26 -3.59 -9.23 -31.73
N PHE B 27 -2.68 -8.53 -31.03
CA PHE B 27 -3.04 -7.37 -30.22
C PHE B 27 -2.26 -6.16 -30.66
N ASP B 28 -2.88 -4.99 -30.54
CA ASP B 28 -2.30 -3.73 -31.00
C ASP B 28 -1.80 -2.82 -29.88
N LYS B 29 -2.19 -3.05 -28.63
CA LYS B 29 -1.76 -2.19 -27.55
C LYS B 29 -1.51 -3.08 -26.35
N ILE B 30 -0.28 -3.14 -25.88
CA ILE B 30 0.07 -4.03 -24.77
C ILE B 30 0.80 -3.23 -23.70
N ILE B 31 0.30 -3.28 -22.46
CA ILE B 31 0.92 -2.61 -21.33
C ILE B 31 1.49 -3.70 -20.44
N TYR B 32 2.82 -3.78 -20.38
CA TYR B 32 3.51 -4.82 -19.61
C TYR B 32 3.90 -4.22 -18.27
N TYR B 33 3.61 -4.97 -17.18
CA TYR B 33 4.00 -4.54 -15.84
C TYR B 33 4.66 -5.72 -15.18
N GLY B 34 5.94 -5.55 -14.83
CA GLY B 34 6.70 -6.51 -14.03
C GLY B 34 6.99 -5.95 -12.63
N ASP B 35 6.64 -6.75 -11.63
CA ASP B 35 6.83 -6.37 -10.22
C ASP B 35 8.29 -6.63 -9.78
N SER B 36 9.23 -6.06 -10.53
CA SER B 36 10.64 -6.38 -10.39
C SER B 36 11.21 -5.97 -9.03
N ALA B 37 10.53 -5.12 -8.26
CA ALA B 37 11.05 -4.83 -6.92
C ALA B 37 10.88 -5.99 -5.97
N ARG B 38 9.92 -6.90 -6.23
CA ARG B 38 9.56 -7.95 -5.27
C ARG B 38 9.74 -9.36 -5.81
N VAL B 39 10.08 -9.51 -7.08
CA VAL B 39 10.36 -10.84 -7.66
C VAL B 39 11.48 -11.52 -6.88
N PRO B 40 11.46 -12.86 -6.66
CA PRO B 40 10.47 -13.81 -7.14
C PRO B 40 9.29 -13.89 -6.24
N TYR B 41 8.20 -14.37 -6.83
CA TYR B 41 7.03 -14.75 -6.08
C TYR B 41 7.05 -16.20 -5.64
N GLY B 42 7.71 -17.07 -6.42
CA GLY B 42 7.52 -18.50 -6.27
C GLY B 42 8.07 -19.12 -5.00
N THR B 43 8.99 -18.42 -4.31
CA THR B 43 9.57 -18.84 -3.03
C THR B 43 8.80 -18.29 -1.84
N LYS B 44 7.72 -17.57 -2.11
CA LYS B 44 6.99 -16.93 -1.03
C LYS B 44 5.67 -17.62 -0.81
N ASP B 45 4.91 -17.10 0.15
CA ASP B 45 3.77 -17.77 0.73
C ASP B 45 2.48 -17.35 0.05
N PRO B 46 1.44 -18.20 0.14
CA PRO B 46 0.17 -17.90 -0.56
C PRO B 46 -0.44 -16.57 -0.18
N THR B 47 -0.38 -16.17 1.09
CA THR B 47 -1.01 -14.92 1.47
C THR B 47 -0.33 -13.75 0.76
N THR B 48 1.00 -13.76 0.77
CA THR B 48 1.76 -12.69 0.12
C THR B 48 1.45 -12.65 -1.36
N ILE B 49 1.44 -13.81 -2.01
CA ILE B 49 1.26 -13.85 -3.45
C ILE B 49 -0.14 -13.40 -3.83
N LYS B 50 -1.16 -13.79 -3.04
CA LYS B 50 -2.51 -13.37 -3.37
C LYS B 50 -2.61 -11.87 -3.32
N GLN B 51 -2.02 -11.27 -2.29
CA GLN B 51 -2.02 -9.82 -2.19
C GLN B 51 -1.22 -9.15 -3.31
N PHE B 52 -0.09 -9.75 -3.72
CA PHE B 52 0.64 -9.22 -4.87
C PHE B 52 -0.28 -9.16 -6.10
N GLY B 53 -1.12 -10.17 -6.25
CA GLY B 53 -1.99 -10.23 -7.42
C GLY B 53 -3.02 -9.12 -7.40
N LEU B 54 -3.62 -8.88 -6.24
CA LEU B 54 -4.56 -7.76 -6.14
C LEU B 54 -3.87 -6.43 -6.40
N GLU B 55 -2.61 -6.29 -5.95
CA GLU B 55 -1.91 -5.03 -6.16
C GLU B 55 -1.60 -4.82 -7.65
N ALA B 56 -1.46 -5.90 -8.40
CA ALA B 56 -1.28 -5.72 -9.84
C ALA B 56 -2.51 -5.07 -10.46
N LEU B 57 -3.68 -5.44 -9.99
CA LEU B 57 -4.89 -4.78 -10.47
C LEU B 57 -4.85 -3.28 -10.17
N ASP B 58 -4.31 -2.89 -9.00
CA ASP B 58 -4.22 -1.47 -8.71
C ASP B 58 -3.30 -0.79 -9.71
N PHE B 59 -2.17 -1.42 -10.02
CA PHE B 59 -1.27 -0.79 -10.97
C PHE B 59 -2.01 -0.46 -12.26
N PHE B 60 -2.82 -1.39 -12.75
CA PHE B 60 -3.48 -1.24 -14.05
C PHE B 60 -4.69 -0.33 -14.02
N LYS B 61 -5.15 0.11 -12.86
CA LYS B 61 -6.36 0.90 -12.78
C LYS B 61 -6.33 2.12 -13.71
N PRO B 62 -5.33 3.01 -13.66
CA PRO B 62 -5.37 4.19 -14.56
C PRO B 62 -5.25 3.86 -16.02
N HIS B 63 -4.77 2.66 -16.35
CA HIS B 63 -4.56 2.28 -17.73
C HIS B 63 -5.86 1.86 -18.40
N LYS B 64 -6.88 1.57 -17.61
CA LYS B 64 -8.21 1.29 -18.16
C LYS B 64 -8.10 0.26 -19.30
N ILE B 65 -7.45 -0.87 -18.98
CA ILE B 65 -7.31 -2.00 -19.90
C ILE B 65 -8.62 -2.78 -20.02
N GLU B 66 -8.74 -3.56 -21.09
CA GLU B 66 -9.94 -4.35 -21.38
C GLU B 66 -9.78 -5.85 -21.08
N LEU B 67 -8.54 -6.31 -20.96
CA LEU B 67 -8.24 -7.70 -20.62
C LEU B 67 -6.87 -7.70 -19.92
N LEU B 68 -6.75 -8.50 -18.89
CA LEU B 68 -5.49 -8.67 -18.20
C LEU B 68 -4.98 -10.10 -18.41
N ILE B 69 -3.75 -10.21 -18.91
CA ILE B 69 -3.06 -11.49 -19.00
C ILE B 69 -2.15 -11.59 -17.78
N VAL B 70 -2.32 -12.64 -17.01
CA VAL B 70 -1.41 -12.94 -15.91
C VAL B 70 -0.41 -13.95 -16.48
N ALA B 71 0.71 -13.42 -16.92
CA ALA B 71 1.76 -14.24 -17.54
C ALA B 71 2.46 -15.11 -16.53
N CYS B 72 2.45 -14.70 -15.26
CA CYS B 72 3.13 -15.41 -14.20
C CYS B 72 2.35 -16.67 -13.82
N ASN B 73 3.04 -17.81 -13.84
CA ASN B 73 2.40 -19.05 -13.47
C ASN B 73 2.15 -19.10 -11.97
N THR B 74 3.01 -18.43 -11.19
CA THR B 74 2.85 -18.43 -9.73
C THR B 74 1.65 -17.57 -9.33
N ALA B 75 1.53 -16.38 -9.92
CA ALA B 75 0.35 -15.59 -9.65
C ALA B 75 -0.89 -16.26 -10.22
N SER B 76 -0.76 -16.92 -11.37
CA SER B 76 -1.93 -17.60 -11.94
C SER B 76 -2.40 -18.70 -11.01
N ALA B 77 -1.44 -19.41 -10.41
CA ALA B 77 -1.78 -20.55 -9.55
C ALA B 77 -2.44 -20.11 -8.24
N LEU B 78 -2.03 -18.98 -7.70
CA LEU B 78 -2.42 -18.63 -6.33
C LEU B 78 -3.39 -17.47 -6.26
N ALA B 79 -3.31 -16.53 -7.19
CA ALA B 79 -3.96 -15.24 -7.04
C ALA B 79 -5.09 -15.02 -8.04
N LEU B 80 -5.19 -15.86 -9.08
CA LEU B 80 -6.06 -15.55 -10.19
C LEU B 80 -7.52 -15.52 -9.74
N GLU B 81 -7.92 -16.44 -8.88
CA GLU B 81 -9.33 -16.52 -8.52
C GLU B 81 -9.77 -15.25 -7.82
N GLU B 82 -9.00 -14.82 -6.82
CA GLU B 82 -9.27 -13.57 -6.12
C GLU B 82 -9.18 -12.37 -7.06
N MET B 83 -8.19 -12.36 -7.94
CA MET B 83 -8.16 -11.17 -8.80
C MET B 83 -9.43 -11.12 -9.65
N GLN B 84 -9.86 -12.27 -10.17
CA GLN B 84 -11.06 -12.29 -11.02
C GLN B 84 -12.30 -11.80 -10.27
N LYS B 85 -12.47 -12.24 -9.02
CA LYS B 85 -13.57 -11.73 -8.20
C LYS B 85 -13.50 -10.21 -8.05
N HIS B 86 -12.29 -9.64 -7.95
CA HIS B 86 -12.10 -8.22 -7.72
C HIS B 86 -11.84 -7.42 -9.01
N SER B 87 -12.38 -7.87 -10.14
CA SER B 87 -12.13 -7.19 -11.43
C SER B 87 -13.39 -7.25 -12.28
N LYS B 88 -13.69 -6.12 -12.95
CA LYS B 88 -14.78 -6.01 -13.89
C LYS B 88 -14.40 -6.43 -15.30
N ILE B 89 -13.11 -6.63 -15.58
CA ILE B 89 -12.66 -7.03 -16.90
C ILE B 89 -12.17 -8.46 -16.79
N PRO B 90 -12.07 -9.17 -17.90
CA PRO B 90 -11.59 -10.55 -17.84
C PRO B 90 -10.09 -10.59 -17.55
N ILE B 91 -9.74 -11.56 -16.75
CA ILE B 91 -8.36 -11.87 -16.42
C ILE B 91 -8.12 -13.31 -16.83
N VAL B 92 -7.07 -13.51 -17.60
CA VAL B 92 -6.72 -14.82 -18.11
C VAL B 92 -5.33 -15.13 -17.61
N GLY B 93 -5.16 -16.29 -16.97
CA GLY B 93 -3.88 -16.75 -16.52
C GLY B 93 -3.35 -17.85 -17.41
N VAL B 94 -2.18 -18.37 -17.03
CA VAL B 94 -1.45 -19.25 -17.93
C VAL B 94 -1.61 -20.72 -17.57
N ILE B 95 -2.42 -21.04 -16.56
CA ILE B 95 -2.61 -22.45 -16.21
C ILE B 95 -3.72 -23.07 -17.06
N GLU B 96 -4.92 -22.51 -17.05
CA GLU B 96 -6.02 -23.15 -17.76
C GLU B 96 -5.76 -23.30 -19.26
N PRO B 97 -5.14 -22.35 -19.95
CA PRO B 97 -4.87 -22.58 -21.37
C PRO B 97 -3.93 -23.72 -21.57
N SER B 98 -3.05 -23.96 -20.61
CA SER B 98 -2.14 -25.09 -20.76
C SER B 98 -2.88 -26.40 -20.56
N ILE B 99 -3.93 -26.38 -19.75
CA ILE B 99 -4.77 -27.57 -19.60
C ILE B 99 -5.47 -27.87 -20.92
N LEU B 100 -5.90 -26.83 -21.64
CA LEU B 100 -6.52 -27.00 -22.97
C LEU B 100 -5.53 -27.54 -23.98
N ALA B 101 -4.29 -27.04 -23.95
CA ALA B 101 -3.30 -27.53 -24.87
C ALA B 101 -3.02 -29.01 -24.65
N ILE B 102 -3.02 -29.45 -23.39
CA ILE B 102 -2.81 -30.88 -23.09
C ILE B 102 -3.98 -31.72 -23.61
N LYS B 103 -5.21 -31.28 -23.32
CA LYS B 103 -6.39 -31.96 -23.88
C LYS B 103 -6.28 -32.12 -25.38
N GLN B 104 -5.76 -31.09 -26.07
CA GLN B 104 -5.66 -31.10 -27.52
C GLN B 104 -4.54 -32.00 -28.01
N GLN B 105 -3.40 -32.03 -27.30
CA GLN B 105 -2.17 -32.62 -27.82
C GLN B 105 -1.85 -33.98 -27.20
N VAL B 106 -2.50 -34.33 -26.09
CA VAL B 106 -2.20 -35.52 -25.31
C VAL B 106 -3.51 -36.28 -25.17
N LYS B 107 -3.80 -37.16 -26.13
CA LYS B 107 -5.06 -37.90 -26.06
C LYS B 107 -4.99 -39.07 -25.10
N ASP B 108 -3.80 -39.64 -24.88
CA ASP B 108 -3.63 -40.74 -23.93
C ASP B 108 -3.69 -40.20 -22.51
N LYS B 109 -4.81 -40.42 -21.85
CA LYS B 109 -4.97 -39.89 -20.49
C LYS B 109 -4.11 -40.62 -19.47
N ASN B 110 -3.39 -41.67 -19.86
CA ASN B 110 -2.44 -42.32 -18.98
C ASN B 110 -1.01 -41.94 -19.30
N ALA B 111 -0.81 -41.05 -20.23
CA ALA B 111 0.53 -40.58 -20.53
C ALA B 111 1.14 -39.95 -19.28
N PRO B 112 2.35 -40.31 -18.90
CA PRO B 112 2.95 -39.69 -17.70
C PRO B 112 3.26 -38.23 -18.01
N ILE B 113 2.70 -37.34 -17.20
CA ILE B 113 2.88 -35.90 -17.34
C ILE B 113 3.66 -35.40 -16.14
N LEU B 114 4.70 -34.61 -16.38
CA LEU B 114 5.47 -33.98 -15.32
C LEU B 114 5.27 -32.48 -15.37
N VAL B 115 4.78 -31.92 -14.26
CA VAL B 115 4.64 -30.48 -14.07
C VAL B 115 5.89 -29.97 -13.39
N LEU B 116 6.55 -29.01 -14.02
CA LEU B 116 7.65 -28.25 -13.44
C LEU B 116 7.14 -26.84 -13.12
N GLY B 117 7.51 -26.34 -11.94
CA GLY B 117 7.10 -25.00 -11.56
C GLY B 117 7.89 -24.51 -10.37
N THR B 118 7.56 -23.28 -9.93
CA THR B 118 8.09 -22.78 -8.68
C THR B 118 7.56 -23.59 -7.49
N LYS B 119 8.21 -23.36 -6.32
CA LYS B 119 7.75 -24.03 -5.11
C LYS B 119 6.28 -23.72 -4.85
N ALA B 120 5.87 -22.44 -5.03
CA ALA B 120 4.49 -22.09 -4.73
C ALA B 120 3.53 -22.70 -5.76
N THR B 121 3.86 -22.62 -7.04
CA THR B 121 2.98 -23.19 -8.06
C THR B 121 2.73 -24.68 -7.81
N ILE B 122 3.80 -25.42 -7.54
CA ILE B 122 3.69 -26.85 -7.31
C ILE B 122 2.91 -27.15 -6.03
N GLN B 123 3.21 -26.43 -4.95
CA GLN B 123 2.51 -26.67 -3.69
C GLN B 123 1.02 -26.43 -3.82
N SER B 124 0.62 -25.48 -4.68
CA SER B 124 -0.80 -25.20 -4.89
C SER B 124 -1.54 -26.37 -5.55
N ASN B 125 -0.84 -27.27 -6.23
CA ASN B 125 -1.45 -28.35 -7.02
C ASN B 125 -2.46 -27.83 -8.03
N ALA B 126 -2.30 -26.58 -8.48
CA ALA B 126 -3.21 -26.06 -9.49
C ALA B 126 -3.22 -26.94 -10.75
N TYR B 127 -2.05 -27.29 -11.26
CA TYR B 127 -2.00 -28.13 -12.47
C TYR B 127 -2.59 -29.50 -12.22
N ASP B 128 -2.19 -30.15 -11.12
CA ASP B 128 -2.66 -31.52 -10.86
C ASP B 128 -4.17 -31.57 -10.74
N ASN B 129 -4.75 -30.63 -9.98
CA ASN B 129 -6.19 -30.60 -9.81
C ASN B 129 -6.89 -30.46 -11.16
N ALA B 130 -6.40 -29.55 -12.01
CA ALA B 130 -7.07 -29.36 -13.30
C ALA B 130 -6.85 -30.54 -14.22
N LEU B 131 -5.66 -31.13 -14.22
CA LEU B 131 -5.43 -32.29 -15.07
C LEU B 131 -6.30 -33.47 -14.61
N LYS B 132 -6.32 -33.73 -13.31
CA LYS B 132 -7.13 -34.82 -12.76
C LYS B 132 -8.61 -34.63 -13.11
N GLN B 133 -9.09 -33.40 -13.01
CA GLN B 133 -10.49 -33.12 -13.34
C GLN B 133 -10.78 -33.40 -14.81
N GLN B 134 -9.76 -33.32 -15.67
CA GLN B 134 -9.90 -33.66 -17.07
C GLN B 134 -9.58 -35.13 -17.36
N GLY B 135 -9.41 -35.96 -16.31
CA GLY B 135 -9.27 -37.39 -16.49
C GLY B 135 -7.85 -37.89 -16.64
N TYR B 136 -6.84 -37.01 -16.58
CA TYR B 136 -5.46 -37.45 -16.70
C TYR B 136 -5.09 -38.15 -15.39
N LEU B 137 -4.56 -39.37 -15.51
CA LEU B 137 -4.39 -40.26 -14.35
C LEU B 137 -2.94 -40.41 -13.88
N ASN B 138 -1.97 -39.93 -14.64
CA ASN B 138 -0.56 -40.22 -14.43
C ASN B 138 0.20 -38.88 -14.40
N VAL B 139 -0.09 -38.07 -13.37
CA VAL B 139 0.42 -36.70 -13.25
C VAL B 139 1.39 -36.66 -12.08
N SER B 140 2.61 -36.25 -12.35
CA SER B 140 3.64 -35.98 -11.36
C SER B 140 4.00 -34.50 -11.41
N HIS B 141 4.55 -34.01 -10.30
CA HIS B 141 5.00 -32.62 -10.23
C HIS B 141 6.35 -32.54 -9.55
N LEU B 142 7.05 -31.45 -9.83
CA LEU B 142 8.40 -31.23 -9.33
C LEU B 142 8.64 -29.73 -9.28
N ALA B 143 8.87 -29.20 -8.08
CA ALA B 143 9.32 -27.82 -7.93
C ALA B 143 10.80 -27.77 -8.27
N THR B 144 11.18 -26.88 -9.18
CA THR B 144 12.57 -26.69 -9.60
C THR B 144 13.00 -25.23 -9.36
N SER B 145 13.03 -24.83 -8.09
CA SER B 145 13.13 -23.42 -7.74
C SER B 145 14.37 -22.76 -8.37
N LEU B 146 15.50 -23.42 -8.28
CA LEU B 146 16.74 -22.79 -8.65
C LEU B 146 16.86 -22.52 -10.14
N PHE B 147 16.03 -23.15 -10.96
CA PHE B 147 16.04 -22.80 -12.39
C PHE B 147 15.81 -21.29 -12.58
N VAL B 148 14.93 -20.69 -11.78
CA VAL B 148 14.60 -19.28 -11.96
C VAL B 148 15.85 -18.41 -11.81
N PRO B 149 16.56 -18.45 -10.66
CA PRO B 149 17.76 -17.59 -10.54
C PRO B 149 18.84 -17.92 -11.56
N LEU B 150 19.03 -19.19 -11.88
CA LEU B 150 20.01 -19.55 -12.90
C LEU B 150 19.67 -18.86 -14.21
N ILE B 151 18.39 -18.93 -14.60
CA ILE B 151 17.97 -18.35 -15.87
C ILE B 151 18.13 -16.83 -15.84
N GLU B 152 17.85 -16.20 -14.71
CA GLU B 152 18.01 -14.75 -14.63
C GLU B 152 19.46 -14.32 -14.61
N GLU B 153 20.40 -15.22 -14.29
CA GLU B 153 21.81 -14.94 -14.49
C GLU B 153 22.25 -15.28 -15.92
N ASN B 154 21.30 -15.66 -16.77
CA ASN B 154 21.61 -16.04 -18.16
C ASN B 154 22.52 -17.26 -18.20
N ILE B 155 22.31 -18.18 -17.28
CA ILE B 155 23.01 -19.46 -17.27
C ILE B 155 22.09 -20.49 -17.88
N LEU B 156 22.16 -20.62 -19.21
CA LEU B 156 21.25 -21.44 -19.99
C LEU B 156 21.94 -22.64 -20.59
N GLU B 157 23.11 -22.98 -20.07
CA GLU B 157 23.97 -24.00 -20.66
C GLU B 157 25.16 -24.18 -19.74
N GLY B 158 25.87 -25.29 -19.95
CA GLY B 158 27.09 -25.52 -19.23
C GLY B 158 26.86 -26.39 -18.00
N GLU B 159 27.97 -26.63 -17.30
CA GLU B 159 27.96 -27.67 -16.28
C GLU B 159 27.12 -27.27 -15.07
N LEU B 160 27.02 -25.98 -14.76
CA LEU B 160 26.19 -25.58 -13.63
C LEU B 160 24.72 -25.90 -13.91
N LEU B 161 24.23 -25.60 -15.12
CA LEU B 161 22.85 -25.93 -15.40
C LEU B 161 22.68 -27.45 -15.46
N GLU B 162 23.63 -28.15 -16.09
CA GLU B 162 23.52 -29.61 -16.17
C GLU B 162 23.46 -30.20 -14.76
N THR B 163 24.28 -29.69 -13.84
CA THR B 163 24.29 -30.24 -12.50
C THR B 163 23.00 -29.91 -11.78
N CYS B 164 22.45 -28.72 -12.05
CA CYS B 164 21.19 -28.35 -11.45
C CYS B 164 20.05 -29.23 -11.97
N MET B 165 20.04 -29.55 -13.26
CA MET B 165 18.99 -30.45 -13.74
C MET B 165 19.15 -31.83 -13.11
N ARG B 166 20.39 -32.30 -12.97
CA ARG B 166 20.59 -33.59 -12.30
C ARG B 166 20.07 -33.57 -10.88
N TYR B 167 20.33 -32.48 -10.17
CA TYR B 167 19.86 -32.38 -8.80
C TYR B 167 18.35 -32.55 -8.72
N TYR B 168 17.59 -31.91 -9.62
CA TYR B 168 16.13 -31.99 -9.56
C TYR B 168 15.59 -33.24 -10.24
N PHE B 169 16.22 -33.73 -11.30
CA PHE B 169 15.62 -34.77 -12.14
C PHE B 169 16.06 -36.18 -11.74
N THR B 170 17.23 -36.33 -11.16
CA THR B 170 17.68 -37.67 -10.78
C THR B 170 16.69 -38.44 -9.91
N PRO B 171 15.99 -37.84 -8.95
CA PRO B 171 15.05 -38.64 -8.14
C PRO B 171 13.78 -39.06 -8.85
N LEU B 172 13.54 -38.63 -10.09
CA LEU B 172 12.32 -38.99 -10.80
C LEU B 172 12.25 -40.49 -11.02
N GLU B 173 11.12 -41.10 -10.64
CA GLU B 173 10.90 -42.51 -10.86
C GLU B 173 10.18 -42.77 -12.19
N ILE B 174 9.35 -41.84 -12.64
CA ILE B 174 8.61 -41.95 -13.89
C ILE B 174 9.29 -41.08 -14.94
N LEU B 175 9.53 -41.66 -16.11
CA LEU B 175 10.01 -40.88 -17.25
C LEU B 175 8.84 -40.17 -17.91
N PRO B 176 8.83 -38.84 -17.98
CA PRO B 176 7.68 -38.14 -18.56
C PRO B 176 7.61 -38.27 -20.08
N GLU B 177 6.38 -38.47 -20.56
CA GLU B 177 6.05 -38.27 -21.97
C GLU B 177 5.78 -36.81 -22.28
N VAL B 178 5.37 -36.05 -21.26
CA VAL B 178 4.92 -34.67 -21.41
C VAL B 178 5.48 -33.91 -20.23
N VAL B 179 6.04 -32.74 -20.49
CA VAL B 179 6.60 -31.89 -19.45
C VAL B 179 5.95 -30.52 -19.60
N ILE B 180 5.28 -30.07 -18.54
CA ILE B 180 4.64 -28.76 -18.55
C ILE B 180 5.64 -27.77 -18.00
N LEU B 181 5.97 -26.76 -18.81
CA LEU B 181 6.87 -25.68 -18.43
C LEU B 181 6.04 -24.67 -17.65
N GLY B 182 5.70 -25.04 -16.42
CA GLY B 182 4.75 -24.30 -15.58
C GLY B 182 5.34 -23.09 -14.88
N CYS B 183 6.21 -22.36 -15.58
CA CYS B 183 6.95 -21.22 -15.08
C CYS B 183 7.38 -20.37 -16.26
N THR B 184 7.30 -19.04 -16.11
CA THR B 184 7.66 -18.14 -17.19
C THR B 184 9.09 -18.34 -17.67
N HIS B 185 9.96 -18.78 -16.77
CA HIS B 185 11.37 -18.79 -17.12
C HIS B 185 11.76 -20.01 -17.94
N PHE B 186 11.01 -21.12 -17.81
CA PHE B 186 11.55 -22.43 -18.24
C PHE B 186 11.60 -22.58 -19.76
N PRO B 187 10.86 -21.79 -20.56
CA PRO B 187 11.09 -21.87 -22.02
C PRO B 187 12.53 -21.61 -22.41
N LEU B 188 13.27 -20.85 -21.61
CA LEU B 188 14.64 -20.54 -21.98
C LEU B 188 15.60 -21.71 -21.83
N ILE B 189 15.21 -22.78 -21.13
CA ILE B 189 16.01 -24.00 -21.04
C ILE B 189 15.24 -25.20 -21.58
N ALA B 190 14.23 -24.96 -22.43
CA ALA B 190 13.39 -26.05 -22.92
C ALA B 190 14.20 -27.08 -23.67
N GLN B 191 15.07 -26.65 -24.59
CA GLN B 191 15.91 -27.61 -25.30
C GLN B 191 16.78 -28.38 -24.33
N LYS B 192 17.35 -27.69 -23.33
CA LYS B 192 18.21 -28.36 -22.36
C LYS B 192 17.46 -29.43 -21.58
N ILE B 193 16.19 -29.18 -21.25
CA ILE B 193 15.38 -30.16 -20.54
C ILE B 193 15.08 -31.34 -21.45
N GLU B 194 14.71 -31.05 -22.68
CA GLU B 194 14.54 -32.10 -23.68
C GLU B 194 15.81 -32.93 -23.79
N GLY B 195 16.96 -32.27 -23.97
CA GLY B 195 18.22 -33.00 -24.09
C GLY B 195 18.54 -33.84 -22.88
N TYR B 196 18.21 -33.35 -21.70
CA TYR B 196 18.49 -34.10 -20.49
C TYR B 196 17.73 -35.41 -20.48
N PHE B 197 16.47 -35.39 -20.89
CA PHE B 197 15.68 -36.62 -20.76
C PHE B 197 16.03 -37.61 -21.85
N MET B 198 16.47 -37.12 -23.01
CA MET B 198 16.94 -38.02 -24.06
C MET B 198 18.24 -38.70 -23.69
N GLU B 199 19.11 -38.02 -22.96
CA GLU B 199 20.42 -38.58 -22.67
C GLU B 199 20.32 -39.56 -21.50
N HIS B 200 19.91 -39.07 -20.33
CA HIS B 200 19.76 -39.93 -19.17
C HIS B 200 18.70 -41.02 -19.30
N PHE B 201 17.98 -41.05 -20.44
CA PHE B 201 17.10 -42.18 -20.69
C PHE B 201 17.10 -42.65 -22.15
N ALA B 202 18.07 -42.23 -22.97
CA ALA B 202 18.37 -42.79 -24.29
C ALA B 202 17.26 -42.56 -25.31
N LEU B 203 16.27 -41.75 -24.99
CA LEU B 203 15.15 -41.48 -25.88
C LEU B 203 15.65 -41.10 -27.27
N SER B 204 14.87 -41.47 -28.28
CA SER B 204 15.14 -41.05 -29.65
C SER B 204 14.28 -39.87 -30.06
N THR B 205 13.39 -39.40 -29.17
CA THR B 205 12.66 -38.15 -29.34
C THR B 205 12.30 -37.64 -27.94
N PRO B 206 12.25 -36.33 -27.73
CA PRO B 206 12.13 -35.83 -26.36
C PRO B 206 10.70 -35.92 -25.86
N PRO B 207 10.49 -35.87 -24.55
CA PRO B 207 9.12 -35.68 -24.06
C PRO B 207 8.52 -34.47 -24.73
N LEU B 208 7.19 -34.41 -24.83
CA LEU B 208 6.53 -33.23 -25.35
C LEU B 208 6.52 -32.13 -24.29
N LEU B 209 6.96 -30.92 -24.66
CA LEU B 209 6.95 -29.80 -23.74
C LEU B 209 5.82 -28.84 -24.05
N ILE B 210 5.08 -28.42 -23.00
CA ILE B 210 3.99 -27.48 -23.09
C ILE B 210 4.48 -26.11 -22.64
N HIS B 211 4.44 -25.14 -23.55
CA HIS B 211 4.91 -23.75 -23.35
C HIS B 211 3.69 -22.91 -22.99
N SER B 212 3.76 -22.20 -21.84
CA SER B 212 2.58 -21.49 -21.34
C SER B 212 2.18 -20.35 -22.26
N GLY B 213 3.15 -19.70 -22.87
CA GLY B 213 2.86 -18.55 -23.70
C GLY B 213 2.13 -18.95 -24.96
N ASP B 214 2.58 -20.02 -25.60
CA ASP B 214 1.88 -20.45 -26.81
C ASP B 214 0.47 -20.92 -26.49
N ALA B 215 0.31 -21.60 -25.36
CA ALA B 215 -1.00 -22.08 -24.95
C ALA B 215 -1.97 -20.93 -24.71
N ILE B 216 -1.53 -19.85 -24.05
CA ILE B 216 -2.48 -18.74 -23.86
C ILE B 216 -2.76 -18.01 -25.18
N VAL B 217 -1.80 -17.94 -26.10
CA VAL B 217 -2.09 -17.31 -27.39
C VAL B 217 -3.17 -18.09 -28.11
N GLU B 218 -3.04 -19.41 -28.16
CA GLU B 218 -4.06 -20.23 -28.84
C GLU B 218 -5.42 -20.06 -28.18
N TYR B 219 -5.46 -20.04 -26.86
CA TYR B 219 -6.72 -19.83 -26.16
C TYR B 219 -7.34 -18.48 -26.52
N LEU B 220 -6.54 -17.40 -26.48
CA LEU B 220 -7.11 -16.07 -26.67
C LEU B 220 -7.62 -15.90 -28.09
N GLN B 221 -6.89 -16.47 -29.03
CA GLN B 221 -7.25 -16.36 -30.44
C GLN B 221 -8.58 -17.04 -30.70
N GLN B 222 -8.89 -18.12 -29.99
CA GLN B 222 -10.20 -18.72 -30.15
C GLN B 222 -11.26 -17.99 -29.33
N LYS B 223 -10.94 -17.64 -28.09
CA LYS B 223 -11.93 -17.05 -27.21
C LYS B 223 -12.47 -15.74 -27.75
N TYR B 224 -11.60 -14.93 -28.36
CA TYR B 224 -11.94 -13.59 -28.80
C TYR B 224 -11.97 -13.48 -30.31
N THR B 225 -11.84 -14.62 -31.00
CA THR B 225 -11.89 -14.65 -32.46
C THR B 225 -10.90 -13.66 -33.07
N LEU B 226 -9.66 -13.77 -32.61
CA LEU B 226 -8.61 -12.86 -33.03
C LEU B 226 -7.90 -13.43 -34.23
N LYS B 227 -7.75 -12.62 -35.26
CA LYS B 227 -7.06 -13.02 -36.47
C LYS B 227 -5.57 -12.79 -36.27
N LYS B 228 -4.79 -13.87 -36.21
CA LYS B 228 -3.35 -13.78 -36.23
C LYS B 228 -2.87 -12.87 -37.37
N ASN B 229 -1.76 -12.17 -37.13
CA ASN B 229 -1.07 -11.34 -38.11
C ASN B 229 -1.85 -10.09 -38.49
N ALA B 230 -2.80 -9.67 -37.65
CA ALA B 230 -3.57 -8.46 -37.87
C ALA B 230 -2.89 -7.19 -37.37
N CYS B 231 -1.98 -7.31 -36.39
CA CYS B 231 -1.38 -6.14 -35.74
C CYS B 231 0.12 -6.24 -35.91
N THR B 232 0.64 -5.67 -36.99
CA THR B 232 2.05 -5.79 -37.31
C THR B 232 2.94 -4.82 -36.53
N PHE B 233 2.40 -3.68 -36.04
CA PHE B 233 3.19 -2.64 -35.40
C PHE B 233 2.48 -2.24 -34.10
N PRO B 234 2.43 -3.15 -33.14
CA PRO B 234 1.77 -2.85 -31.87
C PRO B 234 2.53 -1.79 -31.07
N LYS B 235 1.77 -1.07 -30.24
CA LYS B 235 2.33 -0.23 -29.18
C LYS B 235 2.56 -1.13 -27.97
N VAL B 236 3.78 -1.20 -27.48
CA VAL B 236 4.11 -2.00 -26.30
C VAL B 236 4.78 -1.06 -25.32
N GLU B 237 4.27 -1.04 -24.08
CA GLU B 237 4.78 -0.17 -23.04
C GLU B 237 5.28 -1.06 -21.91
N PHE B 238 6.40 -0.68 -21.31
CA PHE B 238 6.93 -1.40 -20.15
C PHE B 238 6.87 -0.56 -18.89
N HIS B 239 6.45 -1.21 -17.81
CA HIS B 239 6.35 -0.62 -16.49
C HIS B 239 6.94 -1.60 -15.49
N ALA B 240 7.44 -1.07 -14.38
CA ALA B 240 8.06 -1.92 -13.39
C ALA B 240 8.02 -1.25 -12.02
N SER B 241 7.98 -2.08 -10.97
CA SER B 241 8.15 -1.53 -9.63
C SER B 241 9.61 -1.30 -9.25
N GLY B 242 10.53 -2.07 -9.81
CA GLY B 242 11.95 -1.74 -9.75
C GLY B 242 12.31 -0.81 -10.88
N ASP B 243 13.60 -0.71 -11.16
CA ASP B 243 14.09 0.20 -12.19
C ASP B 243 13.60 -0.26 -13.56
N VAL B 244 12.76 0.57 -14.19
CA VAL B 244 12.16 0.15 -15.46
C VAL B 244 13.17 0.13 -16.60
N VAL B 245 14.23 0.93 -16.51
CA VAL B 245 15.31 0.84 -17.50
C VAL B 245 15.98 -0.51 -17.44
N TRP B 246 16.16 -1.06 -16.22
CA TRP B 246 16.72 -2.40 -16.11
C TRP B 246 15.78 -3.42 -16.73
N LEU B 247 14.48 -3.27 -16.47
CA LEU B 247 13.52 -4.23 -17.01
C LEU B 247 13.46 -4.15 -18.53
N GLU B 248 13.44 -2.92 -19.08
CA GLU B 248 13.40 -2.74 -20.53
C GLU B 248 14.64 -3.36 -21.19
N LYS B 249 15.82 -3.23 -20.55
CA LYS B 249 17.01 -3.84 -21.10
C LYS B 249 16.89 -5.36 -21.15
N GLN B 250 16.27 -5.96 -20.14
CA GLN B 250 16.08 -7.41 -20.18
C GLN B 250 15.07 -7.81 -21.24
N ALA B 251 14.08 -6.96 -21.51
CA ALA B 251 13.12 -7.26 -22.56
C ALA B 251 13.83 -7.47 -23.88
N LYS B 252 14.82 -6.60 -24.19
CA LYS B 252 15.53 -6.73 -25.48
C LYS B 252 16.08 -8.13 -25.63
N GLU B 253 16.60 -8.70 -24.56
CA GLU B 253 17.22 -10.03 -24.60
C GLU B 253 16.17 -11.13 -24.67
N TRP B 254 15.12 -11.03 -23.86
CA TRP B 254 14.13 -12.09 -23.83
C TRP B 254 13.31 -12.14 -25.12
N LEU B 255 13.12 -11.00 -25.79
CA LEU B 255 12.27 -10.94 -26.98
C LEU B 255 13.03 -11.18 -28.26
N LYS B 256 14.36 -11.08 -28.23
CA LYS B 256 15.23 -11.39 -29.38
C LYS B 256 14.76 -12.58 -30.21
N SER C 1 -9.72 -10.24 29.52
CA SER C 1 -8.82 -9.80 30.65
C SER C 1 -7.42 -10.15 30.19
N HIS C 2 -7.29 -11.34 29.62
CA HIS C 2 -6.02 -11.76 29.06
C HIS C 2 -5.83 -11.18 27.66
N MET C 3 -6.90 -11.16 26.85
CA MET C 3 -6.75 -11.04 25.41
C MET C 3 -6.19 -9.67 25.06
N LYS C 4 -5.18 -9.64 24.21
CA LYS C 4 -4.73 -8.38 23.64
C LYS C 4 -5.71 -8.00 22.54
N ILE C 5 -6.32 -6.82 22.67
CA ILE C 5 -7.44 -6.35 21.87
C ILE C 5 -6.96 -5.22 20.97
N GLY C 6 -7.40 -5.23 19.72
CA GLY C 6 -7.32 -4.06 18.85
C GLY C 6 -8.70 -3.45 18.68
N VAL C 7 -8.73 -2.12 18.52
CA VAL C 7 -9.96 -1.42 18.18
C VAL C 7 -9.64 -0.62 16.95
N PHE C 8 -10.40 -0.81 15.89
CA PHE C 8 -10.22 -0.11 14.61
C PHE C 8 -11.39 0.83 14.35
N ASP C 9 -11.07 2.05 13.94
CA ASP C 9 -12.09 2.98 13.51
C ASP C 9 -11.48 3.83 12.41
N SER C 10 -12.36 4.49 11.67
CA SER C 10 -11.87 5.40 10.65
C SER C 10 -11.21 6.63 11.23
N GLY C 11 -11.44 6.97 12.47
CA GLY C 11 -10.85 8.22 13.00
C GLY C 11 -10.99 8.32 14.51
N VAL C 12 -11.68 9.33 15.01
CA VAL C 12 -11.89 9.53 16.44
C VAL C 12 -13.26 9.05 16.88
N GLY C 13 -14.19 8.82 15.96
CA GLY C 13 -15.53 8.37 16.37
C GLY C 13 -15.50 7.10 17.21
N GLY C 14 -14.56 6.18 16.92
CA GLY C 14 -14.44 4.95 17.67
C GLY C 14 -14.20 5.13 19.14
N PHE C 15 -13.85 6.34 19.58
CA PHE C 15 -13.74 6.56 21.00
C PHE C 15 -15.08 6.36 21.72
N SER C 16 -16.21 6.44 21.03
CA SER C 16 -17.47 6.13 21.74
C SER C 16 -17.54 4.66 22.13
N VAL C 17 -16.96 3.79 21.31
CA VAL C 17 -16.89 2.37 21.63
C VAL C 17 -15.82 2.13 22.67
N LEU C 18 -14.66 2.77 22.51
CA LEU C 18 -13.62 2.66 23.50
C LEU C 18 -14.12 3.11 24.88
N LYS C 19 -14.93 4.16 24.90
CA LYS C 19 -15.50 4.63 26.16
C LYS C 19 -16.29 3.53 26.86
N SER C 20 -17.20 2.89 26.12
CA SER C 20 -17.96 1.75 26.65
C SER C 20 -17.03 0.64 27.10
N LEU C 21 -15.99 0.34 26.31
CA LEU C 21 -15.08 -0.74 26.68
C LEU C 21 -14.40 -0.43 27.99
N LEU C 22 -13.90 0.80 28.14
CA LEU C 22 -13.16 1.16 29.33
C LEU C 22 -14.07 1.15 30.56
N LYS C 23 -15.31 1.60 30.41
CA LYS C 23 -16.22 1.61 31.54
C LYS C 23 -16.46 0.20 32.03
N ALA C 24 -16.55 -0.76 31.11
CA ALA C 24 -16.84 -2.15 31.46
C ALA C 24 -15.67 -2.82 32.16
N GLN C 25 -14.47 -2.28 31.99
CA GLN C 25 -13.27 -2.78 32.64
C GLN C 25 -13.10 -4.27 32.39
N ILE C 26 -13.32 -4.68 31.15
CA ILE C 26 -13.25 -6.09 30.81
C ILE C 26 -11.89 -6.48 30.23
N PHE C 27 -11.11 -5.52 29.67
CA PHE C 27 -9.84 -5.82 29.03
C PHE C 27 -8.68 -5.07 29.68
N ASP C 28 -7.50 -5.70 29.60
CA ASP C 28 -6.30 -5.18 30.22
C ASP C 28 -5.39 -4.47 29.24
N LYS C 29 -5.52 -4.76 27.94
CA LYS C 29 -4.63 -4.18 26.93
C LYS C 29 -5.45 -3.90 25.66
N ILE C 30 -5.50 -2.64 25.26
CA ILE C 30 -6.25 -2.18 24.10
C ILE C 30 -5.34 -1.37 23.18
N ILE C 31 -5.29 -1.73 21.92
CA ILE C 31 -4.55 -0.99 20.91
C ILE C 31 -5.57 -0.35 19.95
N TYR C 32 -5.71 0.97 20.05
CA TYR C 32 -6.64 1.72 19.22
C TYR C 32 -5.91 2.24 17.98
N TYR C 33 -6.55 2.04 16.81
CA TYR C 33 -6.07 2.58 15.55
C TYR C 33 -7.21 3.28 14.85
N GLY C 34 -7.03 4.58 14.61
CA GLY C 34 -7.94 5.37 13.79
C GLY C 34 -7.24 5.85 12.52
N ASP C 35 -7.90 5.56 11.40
CA ASP C 35 -7.40 5.90 10.07
C ASP C 35 -7.69 7.37 9.74
N SER C 36 -7.23 8.27 10.62
CA SER C 36 -7.62 9.69 10.56
C SER C 36 -7.10 10.40 9.32
N ALA C 37 -6.15 9.81 8.61
CA ALA C 37 -5.73 10.42 7.33
C ALA C 37 -6.81 10.27 6.26
N ARG C 38 -7.71 9.28 6.36
CA ARG C 38 -8.66 9.03 5.30
C ARG C 38 -10.12 9.15 5.68
N VAL C 39 -10.42 9.39 6.95
CA VAL C 39 -11.76 9.61 7.44
C VAL C 39 -12.36 10.79 6.69
N PRO C 40 -13.67 10.79 6.41
CA PRO C 40 -14.63 9.72 6.68
C PRO C 40 -14.67 8.62 5.64
N TYR C 41 -15.17 7.46 6.09
CA TYR C 41 -15.49 6.34 5.22
C TYR C 41 -16.92 6.39 4.67
N GLY C 42 -17.86 6.98 5.42
CA GLY C 42 -19.27 6.76 5.13
C GLY C 42 -19.76 7.39 3.84
N THR C 43 -19.04 8.37 3.32
CA THR C 43 -19.36 9.06 2.09
C THR C 43 -18.68 8.45 0.88
N LYS C 44 -17.99 7.35 1.08
CA LYS C 44 -17.22 6.69 0.04
C LYS C 44 -17.88 5.37 -0.41
N ASP C 45 -17.24 4.75 -1.37
CA ASP C 45 -17.84 3.64 -2.11
C ASP C 45 -17.46 2.30 -1.48
N PRO C 46 -18.27 1.27 -1.70
CA PRO C 46 -18.00 -0.06 -1.10
C PRO C 46 -16.59 -0.57 -1.42
N THR C 47 -16.11 -0.38 -2.66
CA THR C 47 -14.81 -0.95 -3.02
C THR C 47 -13.70 -0.33 -2.18
N THR C 48 -13.73 1.00 -2.06
CA THR C 48 -12.76 1.70 -1.24
C THR C 48 -12.85 1.25 0.23
N ILE C 49 -14.06 1.17 0.79
CA ILE C 49 -14.20 0.88 2.22
C ILE C 49 -13.73 -0.54 2.52
N LYS C 50 -14.08 -1.50 1.64
CA LYS C 50 -13.63 -2.87 1.86
C LYS C 50 -12.11 -2.93 1.91
N GLN C 51 -11.43 -2.23 1.02
CA GLN C 51 -9.97 -2.23 1.03
C GLN C 51 -9.43 -1.54 2.28
N PHE C 52 -10.09 -0.46 2.72
CA PHE C 52 -9.69 0.19 3.97
C PHE C 52 -9.72 -0.82 5.10
N GLY C 53 -10.76 -1.68 5.10
CA GLY C 53 -10.87 -2.66 6.16
C GLY C 53 -9.73 -3.65 6.14
N LEU C 54 -9.37 -4.15 4.95
CA LEU C 54 -8.24 -5.07 4.86
C LEU C 54 -6.95 -4.41 5.28
N GLU C 55 -6.82 -3.11 5.01
CA GLU C 55 -5.60 -2.43 5.40
C GLU C 55 -5.53 -2.21 6.90
N ALA C 56 -6.67 -2.21 7.59
CA ALA C 56 -6.62 -2.15 9.05
C ALA C 56 -5.97 -3.42 9.58
N LEU C 57 -6.24 -4.57 8.95
CA LEU C 57 -5.57 -5.80 9.39
C LEU C 57 -4.08 -5.71 9.24
N ASP C 58 -3.61 -5.13 8.13
CA ASP C 58 -2.19 -4.98 7.94
C ASP C 58 -1.61 -4.12 9.04
N PHE C 59 -2.31 -3.07 9.45
CA PHE C 59 -1.77 -2.24 10.52
C PHE C 59 -1.54 -3.06 11.78
N PHE C 60 -2.50 -3.94 12.13
CA PHE C 60 -2.45 -4.65 13.40
C PHE C 60 -1.50 -5.83 13.38
N LYS C 61 -1.00 -6.23 12.21
CA LYS C 61 -0.21 -7.45 12.10
C LYS C 61 0.94 -7.48 13.11
N PRO C 62 1.82 -6.49 13.20
CA PRO C 62 2.93 -6.60 14.16
C PRO C 62 2.49 -6.56 15.61
N HIS C 63 1.25 -6.14 15.89
CA HIS C 63 0.80 -6.09 17.26
C HIS C 63 0.32 -7.45 17.77
N LYS C 64 0.16 -8.42 16.87
CA LYS C 64 -0.18 -9.78 17.28
C LYS C 64 -1.33 -9.77 18.28
N ILE C 65 -2.40 -9.08 17.90
CA ILE C 65 -3.60 -9.02 18.73
C ILE C 65 -4.35 -10.35 18.63
N GLU C 66 -5.21 -10.60 19.61
CA GLU C 66 -6.00 -11.83 19.68
C GLU C 66 -7.46 -11.65 19.30
N LEU C 67 -7.97 -10.42 19.31
CA LEU C 67 -9.32 -10.13 18.85
C LEU C 67 -9.32 -8.70 18.31
N LEU C 68 -9.98 -8.47 17.18
CA LEU C 68 -10.13 -7.12 16.64
C LEU C 68 -11.59 -6.68 16.76
N ILE C 69 -11.80 -5.50 17.35
CA ILE C 69 -13.09 -4.84 17.36
C ILE C 69 -13.09 -3.81 16.24
N VAL C 70 -14.03 -3.94 15.33
CA VAL C 70 -14.27 -2.93 14.31
C VAL C 70 -15.32 -2.01 14.89
N ALA C 71 -14.85 -0.91 15.51
CA ALA C 71 -15.73 0.02 16.16
C ALA C 71 -16.53 0.83 15.15
N CYS C 72 -16.05 0.92 13.91
CA CYS C 72 -16.68 1.69 12.85
C CYS C 72 -17.91 0.97 12.33
N ASN C 73 -19.07 1.61 12.38
CA ASN C 73 -20.26 1.00 11.82
C ASN C 73 -20.18 0.89 10.31
N THR C 74 -19.46 1.80 9.66
CA THR C 74 -19.38 1.78 8.21
C THR C 74 -18.50 0.64 7.75
N ALA C 75 -17.30 0.55 8.34
CA ALA C 75 -16.44 -0.58 8.04
C ALA C 75 -17.10 -1.89 8.46
N SER C 76 -17.92 -1.85 9.52
CA SER C 76 -18.61 -3.07 9.93
C SER C 76 -19.64 -3.48 8.89
N ALA C 77 -20.32 -2.51 8.29
CA ALA C 77 -21.38 -2.83 7.33
C ALA C 77 -20.78 -3.35 6.03
N LEU C 78 -19.65 -2.79 5.62
CA LEU C 78 -19.15 -3.03 4.27
C LEU C 78 -17.97 -3.97 4.24
N ALA C 79 -17.11 -3.94 5.24
CA ALA C 79 -15.82 -4.58 5.16
C ALA C 79 -15.65 -5.80 6.04
N LEU C 80 -16.53 -6.01 7.03
CA LEU C 80 -16.29 -7.04 8.05
C LEU C 80 -16.18 -8.43 7.44
N GLU C 81 -17.08 -8.75 6.50
CA GLU C 81 -17.09 -10.08 5.90
C GLU C 81 -15.74 -10.42 5.30
N GLU C 82 -15.22 -9.54 4.47
CA GLU C 82 -13.95 -9.85 3.83
C GLU C 82 -12.80 -9.80 4.83
N MET C 83 -12.87 -8.94 5.83
CA MET C 83 -11.84 -8.94 6.85
C MET C 83 -11.78 -10.28 7.58
N GLN C 84 -12.94 -10.82 7.94
CA GLN C 84 -12.97 -12.10 8.65
C GLN C 84 -12.40 -13.23 7.78
N LYS C 85 -12.63 -13.19 6.46
CA LYS C 85 -12.02 -14.21 5.60
C LYS C 85 -10.48 -14.11 5.59
N HIS C 86 -9.92 -12.92 5.79
CA HIS C 86 -8.47 -12.71 5.70
C HIS C 86 -7.79 -12.62 7.07
N SER C 87 -8.44 -13.15 8.11
CA SER C 87 -7.95 -13.06 9.48
C SER C 87 -8.02 -14.40 10.22
N LYS C 88 -6.92 -14.76 10.88
CA LYS C 88 -6.87 -15.92 11.75
C LYS C 88 -7.40 -15.67 13.16
N ILE C 89 -7.73 -14.42 13.51
CA ILE C 89 -8.26 -14.12 14.84
C ILE C 89 -9.70 -13.65 14.67
N PRO C 90 -10.52 -13.70 15.72
CA PRO C 90 -11.91 -13.20 15.58
C PRO C 90 -11.94 -11.69 15.33
N ILE C 91 -12.85 -11.30 14.47
CA ILE C 91 -13.14 -9.89 14.23
C ILE C 91 -14.59 -9.68 14.57
N VAL C 92 -14.86 -8.72 15.45
CA VAL C 92 -16.21 -8.41 15.88
C VAL C 92 -16.53 -6.99 15.47
N GLY C 93 -17.60 -6.84 14.69
CA GLY C 93 -18.12 -5.53 14.35
C GLY C 93 -19.26 -5.10 15.26
N VAL C 94 -19.77 -3.91 14.96
CA VAL C 94 -20.71 -3.27 15.88
C VAL C 94 -22.15 -3.36 15.37
N ILE C 95 -22.39 -4.08 14.28
CA ILE C 95 -23.76 -4.25 13.78
C ILE C 95 -24.45 -5.46 14.43
N GLU C 96 -23.85 -6.64 14.34
CA GLU C 96 -24.52 -7.82 14.88
C GLU C 96 -24.76 -7.70 16.37
N PRO C 97 -23.82 -7.22 17.17
CA PRO C 97 -24.14 -6.99 18.58
C PRO C 97 -25.34 -6.09 18.78
N SER C 98 -25.57 -5.11 17.89
CA SER C 98 -26.74 -4.26 18.04
C SER C 98 -28.02 -5.01 17.70
N ILE C 99 -27.94 -5.95 16.77
CA ILE C 99 -29.09 -6.80 16.46
C ILE C 99 -29.49 -7.59 17.71
N LEU C 100 -28.50 -8.18 18.39
CA LEU C 100 -28.79 -8.91 19.63
C LEU C 100 -29.31 -7.99 20.73
N ALA C 101 -28.82 -6.75 20.78
CA ALA C 101 -29.33 -5.80 21.75
C ALA C 101 -30.80 -5.48 21.50
N ILE C 102 -31.20 -5.40 20.22
CA ILE C 102 -32.60 -5.24 19.84
C ILE C 102 -33.40 -6.46 20.30
N LYS C 103 -32.92 -7.65 19.98
CA LYS C 103 -33.64 -8.85 20.38
C LYS C 103 -33.79 -8.96 21.89
N GLN C 104 -32.81 -8.43 22.67
CA GLN C 104 -32.92 -8.47 24.13
C GLN C 104 -33.89 -7.39 24.65
N GLN C 105 -33.87 -6.18 24.08
CA GLN C 105 -34.55 -5.04 24.67
C GLN C 105 -35.87 -4.66 24.01
N VAL C 106 -36.19 -5.25 22.86
CA VAL C 106 -37.31 -4.83 22.02
C VAL C 106 -38.08 -6.09 21.67
N LYS C 107 -38.99 -6.50 22.56
CA LYS C 107 -39.68 -7.77 22.37
C LYS C 107 -40.83 -7.65 21.39
N ASP C 108 -41.43 -6.45 21.29
CA ASP C 108 -42.44 -6.19 20.26
C ASP C 108 -41.78 -6.15 18.88
N LYS C 109 -41.76 -7.30 18.20
CA LYS C 109 -41.13 -7.43 16.90
C LYS C 109 -41.82 -6.61 15.81
N ASN C 110 -42.85 -5.86 16.17
CA ASN C 110 -43.53 -4.95 15.26
C ASN C 110 -43.29 -3.49 15.63
N ALA C 111 -42.51 -3.22 16.67
CA ALA C 111 -42.26 -1.86 17.07
C ALA C 111 -41.51 -1.14 15.94
N PRO C 112 -41.83 0.12 15.66
CA PRO C 112 -41.14 0.84 14.58
C PRO C 112 -39.73 1.23 14.99
N ILE C 113 -38.76 0.77 14.20
CA ILE C 113 -37.33 0.95 14.47
C ILE C 113 -36.73 1.84 13.39
N LEU C 114 -36.04 2.90 13.80
CA LEU C 114 -35.31 3.78 12.87
C LEU C 114 -33.81 3.52 13.00
N VAL C 115 -33.18 3.13 11.88
CA VAL C 115 -31.72 3.00 11.77
C VAL C 115 -31.16 4.33 11.25
N LEU C 116 -30.24 4.93 12.02
CA LEU C 116 -29.47 6.10 11.59
C LEU C 116 -28.02 5.68 11.31
N GLY C 117 -27.46 6.19 10.22
CA GLY C 117 -26.11 5.81 9.88
C GLY C 117 -25.54 6.74 8.83
N THR C 118 -24.31 6.42 8.42
CA THR C 118 -23.73 7.07 7.27
C THR C 118 -24.42 6.59 5.99
N LYS C 119 -24.19 7.34 4.91
CA LYS C 119 -24.72 6.94 3.61
C LYS C 119 -24.31 5.52 3.25
N ALA C 120 -23.03 5.17 3.47
CA ALA C 120 -22.60 3.83 3.05
C ALA C 120 -23.23 2.76 3.92
N THR C 121 -23.33 3.01 5.22
CA THR C 121 -23.96 2.03 6.12
C THR C 121 -25.41 1.81 5.74
N ILE C 122 -26.14 2.90 5.50
CA ILE C 122 -27.56 2.82 5.20
C ILE C 122 -27.77 2.17 3.83
N GLN C 123 -26.93 2.51 2.84
CA GLN C 123 -27.04 1.93 1.51
C GLN C 123 -26.81 0.42 1.50
N SER C 124 -25.98 -0.09 2.41
CA SER C 124 -25.69 -1.51 2.50
C SER C 124 -26.88 -2.30 3.02
N ASN C 125 -27.83 -1.65 3.68
CA ASN C 125 -28.96 -2.32 4.32
C ASN C 125 -28.52 -3.39 5.32
N ALA C 126 -27.30 -3.28 5.85
CA ALA C 126 -26.82 -4.25 6.83
C ALA C 126 -27.78 -4.36 8.00
N TYR C 127 -28.27 -3.24 8.52
CA TYR C 127 -29.19 -3.30 9.64
C TYR C 127 -30.53 -3.90 9.23
N ASP C 128 -31.12 -3.37 8.16
CA ASP C 128 -32.43 -3.84 7.72
C ASP C 128 -32.41 -5.34 7.48
N ASN C 129 -31.36 -5.82 6.79
CA ASN C 129 -31.31 -7.24 6.45
C ASN C 129 -31.26 -8.12 7.69
N ALA C 130 -30.40 -7.77 8.64
CA ALA C 130 -30.29 -8.58 9.86
C ALA C 130 -31.51 -8.42 10.74
N LEU C 131 -32.13 -7.25 10.77
CA LEU C 131 -33.32 -7.09 11.59
C LEU C 131 -34.46 -7.91 11.02
N LYS C 132 -34.57 -7.98 9.68
CA LYS C 132 -35.63 -8.76 9.05
C LYS C 132 -35.41 -10.25 9.28
N GLN C 133 -34.17 -10.72 9.15
CA GLN C 133 -33.88 -12.13 9.41
C GLN C 133 -34.23 -12.53 10.84
N GLN C 134 -34.51 -11.58 11.72
CA GLN C 134 -34.83 -11.83 13.12
C GLN C 134 -36.28 -11.50 13.49
N GLY C 135 -37.13 -11.21 12.49
CA GLY C 135 -38.56 -11.05 12.68
C GLY C 135 -39.06 -9.63 12.82
N TYR C 136 -38.19 -8.64 12.80
CA TYR C 136 -38.63 -7.27 12.97
C TYR C 136 -39.23 -6.78 11.65
N LEU C 137 -40.51 -6.40 11.70
CA LEU C 137 -41.34 -6.20 10.52
C LEU C 137 -41.63 -4.72 10.26
N ASN C 138 -40.99 -3.80 11.01
CA ASN C 138 -41.31 -2.40 10.94
C ASN C 138 -40.04 -1.55 11.05
N VAL C 139 -39.18 -1.63 10.04
CA VAL C 139 -37.85 -1.04 10.08
C VAL C 139 -37.75 0.07 9.04
N SER C 140 -37.35 1.26 9.49
CA SER C 140 -37.02 2.39 8.64
C SER C 140 -35.53 2.70 8.75
N HIS C 141 -34.98 3.35 7.72
CA HIS C 141 -33.57 3.70 7.77
C HIS C 141 -33.38 5.10 7.20
N LEU C 142 -32.31 5.74 7.63
CA LEU C 142 -32.11 7.14 7.29
C LEU C 142 -30.62 7.44 7.41
N ALA C 143 -30.03 7.83 6.29
CA ALA C 143 -28.67 8.35 6.29
C ALA C 143 -28.66 9.79 6.76
N THR C 144 -27.83 10.07 7.75
CA THR C 144 -27.72 11.41 8.31
C THR C 144 -26.25 11.85 8.23
N SER C 145 -25.78 12.00 7.00
CA SER C 145 -24.36 12.15 6.72
C SER C 145 -23.73 13.31 7.47
N LEU C 146 -24.43 14.45 7.49
CA LEU C 146 -23.82 15.65 8.02
C LEU C 146 -23.69 15.64 9.55
N PHE C 147 -24.33 14.71 10.25
CA PHE C 147 -24.11 14.57 11.70
C PHE C 147 -22.62 14.36 12.00
N VAL C 148 -21.93 13.60 11.15
CA VAL C 148 -20.53 13.24 11.35
C VAL C 148 -19.71 14.52 11.40
N PRO C 149 -19.69 15.36 10.35
CA PRO C 149 -18.84 16.56 10.43
C PRO C 149 -19.31 17.58 11.47
N LEU C 150 -20.59 17.72 11.73
CA LEU C 150 -21.03 18.61 12.80
C LEU C 150 -20.44 18.14 14.11
N ILE C 151 -20.52 16.83 14.38
CA ILE C 151 -20.01 16.30 15.65
C ILE C 151 -18.49 16.47 15.74
N GLU C 152 -17.77 16.31 14.63
CA GLU C 152 -16.33 16.51 14.67
C GLU C 152 -15.92 17.97 14.84
N GLU C 153 -16.81 18.90 14.54
CA GLU C 153 -16.60 20.31 14.84
C GLU C 153 -17.00 20.65 16.27
N ASN C 154 -17.41 19.66 17.03
CA ASN C 154 -17.90 19.83 18.40
C ASN C 154 -19.18 20.68 18.45
N ILE C 155 -20.03 20.55 17.43
CA ILE C 155 -21.34 21.21 17.39
C ILE C 155 -22.40 20.20 17.86
N LEU C 156 -22.59 20.15 19.19
CA LEU C 156 -23.48 19.19 19.83
C LEU C 156 -24.74 19.83 20.37
N GLU C 157 -24.95 21.12 20.08
CA GLU C 157 -26.10 21.87 20.59
C GLU C 157 -26.29 23.05 19.66
N GLY C 158 -27.37 23.80 19.88
CA GLY C 158 -27.55 25.07 19.18
C GLY C 158 -28.37 24.93 17.94
N GLU C 159 -28.60 26.07 17.27
CA GLU C 159 -29.56 26.07 16.18
C GLU C 159 -29.02 25.35 14.95
N LEU C 160 -27.71 25.24 14.78
CA LEU C 160 -27.22 24.52 13.61
C LEU C 160 -27.48 23.02 13.72
N LEU C 161 -27.24 22.43 14.90
CA LEU C 161 -27.61 21.03 15.11
C LEU C 161 -29.13 20.84 15.01
N GLU C 162 -29.89 21.74 15.62
CA GLU C 162 -31.34 21.58 15.57
C GLU C 162 -31.84 21.65 14.12
N THR C 163 -31.32 22.59 13.34
CA THR C 163 -31.74 22.70 11.94
C THR C 163 -31.30 21.46 11.19
N CYS C 164 -30.13 20.94 11.53
CA CYS C 164 -29.68 19.73 10.85
C CYS C 164 -30.58 18.56 11.20
N MET C 165 -30.98 18.44 12.46
CA MET C 165 -31.85 17.33 12.84
C MET C 165 -33.20 17.44 12.14
N ARG C 166 -33.72 18.67 12.07
CA ARG C 166 -34.99 18.91 11.38
C ARG C 166 -34.85 18.61 9.88
N TYR C 167 -33.72 18.97 9.29
CA TYR C 167 -33.46 18.64 7.90
C TYR C 167 -33.60 17.15 7.62
N TYR C 168 -33.08 16.31 8.51
CA TYR C 168 -33.10 14.88 8.27
C TYR C 168 -34.36 14.22 8.77
N PHE C 169 -34.93 14.70 9.87
CA PHE C 169 -36.01 13.98 10.53
C PHE C 169 -37.41 14.45 10.12
N THR C 170 -37.55 15.65 9.57
CA THR C 170 -38.87 16.14 9.19
C THR C 170 -39.59 15.19 8.23
N PRO C 171 -38.95 14.60 7.24
CA PRO C 171 -39.68 13.66 6.38
C PRO C 171 -40.21 12.40 7.05
N LEU C 172 -39.94 12.15 8.33
CA LEU C 172 -40.32 10.88 8.94
C LEU C 172 -41.83 10.76 9.11
N GLU C 173 -42.42 9.72 8.51
CA GLU C 173 -43.85 9.47 8.66
C GLU C 173 -44.23 9.10 10.10
N ILE C 174 -43.56 8.08 10.67
CA ILE C 174 -43.95 7.47 11.94
C ILE C 174 -42.94 7.82 13.03
N LEU C 175 -43.45 8.15 14.22
CA LEU C 175 -42.62 8.29 15.42
C LEU C 175 -41.94 6.94 15.69
N PRO C 176 -40.61 6.86 15.70
CA PRO C 176 -39.98 5.60 16.09
C PRO C 176 -40.08 5.35 17.58
N GLU C 177 -40.18 4.07 17.93
CA GLU C 177 -40.06 3.66 19.32
C GLU C 177 -38.63 3.28 19.68
N VAL C 178 -37.82 3.00 18.68
CA VAL C 178 -36.43 2.63 18.85
C VAL C 178 -35.63 3.34 17.78
N VAL C 179 -34.51 3.94 18.16
CA VAL C 179 -33.60 4.58 17.22
C VAL C 179 -32.25 3.91 17.38
N ILE C 180 -31.73 3.33 16.30
CA ILE C 180 -30.42 2.69 16.35
C ILE C 180 -29.38 3.74 15.96
N LEU C 181 -28.41 3.98 16.86
CA LEU C 181 -27.31 4.93 16.63
C LEU C 181 -26.22 4.19 15.86
N GLY C 182 -26.46 4.02 14.57
CA GLY C 182 -25.69 3.14 13.71
C GLY C 182 -24.45 3.82 13.15
N CYS C 183 -23.81 4.62 13.99
CA CYS C 183 -22.62 5.37 13.63
C CYS C 183 -21.87 5.70 14.91
N THR C 184 -20.55 5.65 14.84
CA THR C 184 -19.74 5.90 16.02
C THR C 184 -20.02 7.27 16.66
N HIS C 185 -20.35 8.25 15.84
CA HIS C 185 -20.42 9.62 16.32
C HIS C 185 -21.72 9.92 17.06
N PHE C 186 -22.79 9.17 16.78
CA PHE C 186 -24.13 9.63 17.15
C PHE C 186 -24.40 9.56 18.66
N PRO C 187 -23.72 8.72 19.44
CA PRO C 187 -23.86 8.84 20.91
C PRO C 187 -23.64 10.26 21.45
N LEU C 188 -22.84 11.10 20.77
CA LEU C 188 -22.61 12.41 21.35
C LEU C 188 -23.81 13.35 21.20
N ILE C 189 -24.77 13.01 20.35
CA ILE C 189 -26.00 13.80 20.22
C ILE C 189 -27.22 12.96 20.58
N ALA C 190 -27.02 11.88 21.35
CA ALA C 190 -28.13 11.02 21.74
C ALA C 190 -29.20 11.80 22.51
N GLN C 191 -28.80 12.58 23.51
CA GLN C 191 -29.77 13.36 24.26
C GLN C 191 -30.49 14.36 23.37
N LYS C 192 -29.75 15.01 22.46
CA LYS C 192 -30.39 15.93 21.52
C LYS C 192 -31.36 15.21 20.59
N ILE C 193 -31.05 13.98 20.21
CA ILE C 193 -31.96 13.22 19.36
C ILE C 193 -33.24 12.82 20.14
N GLU C 194 -33.08 12.35 21.38
CA GLU C 194 -34.24 12.11 22.24
C GLU C 194 -35.09 13.36 22.38
N GLY C 195 -34.45 14.49 22.67
CA GLY C 195 -35.20 15.71 22.85
C GLY C 195 -35.97 16.12 21.59
N TYR C 196 -35.37 15.87 20.41
CA TYR C 196 -36.03 16.20 19.16
C TYR C 196 -37.35 15.47 19.03
N PHE C 197 -37.34 14.17 19.31
CA PHE C 197 -38.56 13.39 19.12
C PHE C 197 -39.59 13.70 20.20
N MET C 198 -39.16 14.11 21.38
CA MET C 198 -40.14 14.51 22.39
C MET C 198 -40.75 15.87 22.09
N GLU C 199 -40.02 16.75 21.39
CA GLU C 199 -40.54 18.08 21.07
C GLU C 199 -41.48 18.05 19.87
N HIS C 200 -41.11 17.33 18.80
CA HIS C 200 -41.88 17.34 17.58
C HIS C 200 -42.80 16.13 17.42
N PHE C 201 -42.93 15.30 18.46
CA PHE C 201 -43.96 14.27 18.51
C PHE C 201 -44.64 14.22 19.87
N ALA C 202 -44.22 15.05 20.83
CA ALA C 202 -44.96 15.39 22.04
C ALA C 202 -45.18 14.24 23.02
N LEU C 203 -44.79 13.01 22.66
CA LEU C 203 -44.73 11.95 23.67
C LEU C 203 -43.85 12.42 24.82
N SER C 204 -44.26 12.11 26.03
CA SER C 204 -43.42 12.39 27.20
C SER C 204 -42.26 11.39 27.29
N THR C 205 -42.28 10.33 26.48
CA THR C 205 -41.32 9.26 26.53
C THR C 205 -40.45 9.27 25.29
N PRO C 206 -39.12 9.38 25.40
CA PRO C 206 -38.27 9.37 24.20
C PRO C 206 -38.17 7.97 23.60
N PRO C 207 -37.87 7.87 22.32
CA PRO C 207 -37.55 6.56 21.76
C PRO C 207 -36.42 5.94 22.55
N LEU C 208 -36.33 4.63 22.46
CA LEU C 208 -35.20 3.92 23.03
C LEU C 208 -34.04 3.94 22.04
N LEU C 209 -32.88 4.43 22.50
CA LEU C 209 -31.71 4.55 21.64
C LEU C 209 -30.78 3.39 21.87
N ILE C 210 -30.33 2.76 20.78
CA ILE C 210 -29.41 1.63 20.82
C ILE C 210 -28.01 2.14 20.52
N HIS C 211 -27.11 1.95 21.48
CA HIS C 211 -25.74 2.46 21.43
C HIS C 211 -24.82 1.31 21.05
N SER C 212 -24.04 1.51 19.98
CA SER C 212 -23.23 0.43 19.42
C SER C 212 -22.17 -0.06 20.40
N GLY C 213 -21.53 0.85 21.15
CA GLY C 213 -20.50 0.45 22.06
C GLY C 213 -21.03 -0.41 23.20
N ASP C 214 -22.15 -0.01 23.77
CA ASP C 214 -22.72 -0.81 24.86
C ASP C 214 -23.20 -2.17 24.36
N ALA C 215 -23.73 -2.24 23.12
CA ALA C 215 -24.16 -3.53 22.59
C ALA C 215 -22.97 -4.46 22.39
N ILE C 216 -21.83 -3.93 21.93
CA ILE C 216 -20.72 -4.82 21.68
C ILE C 216 -20.08 -5.26 22.99
N VAL C 217 -20.09 -4.40 24.01
CA VAL C 217 -19.66 -4.84 25.34
C VAL C 217 -20.48 -6.07 25.76
N GLU C 218 -21.79 -6.00 25.62
CA GLU C 218 -22.64 -7.11 26.10
C GLU C 218 -22.35 -8.39 25.34
N TYR C 219 -22.15 -8.27 24.03
CA TYR C 219 -21.86 -9.43 23.20
C TYR C 219 -20.51 -10.03 23.56
N LEU C 220 -19.52 -9.19 23.82
CA LEU C 220 -18.20 -9.71 24.12
C LEU C 220 -18.24 -10.42 25.46
N GLN C 221 -19.03 -9.88 26.39
CA GLN C 221 -19.15 -10.50 27.70
C GLN C 221 -19.70 -11.89 27.58
N GLN C 222 -20.74 -12.03 26.77
CA GLN C 222 -21.40 -13.33 26.61
C GLN C 222 -20.55 -14.29 25.78
N LYS C 223 -19.96 -13.81 24.68
CA LYS C 223 -19.27 -14.72 23.78
C LYS C 223 -17.97 -15.24 24.39
N TYR C 224 -17.26 -14.39 25.14
CA TYR C 224 -15.93 -14.74 25.64
C TYR C 224 -15.91 -14.91 27.14
N THR C 225 -17.07 -14.81 27.81
CA THR C 225 -17.24 -15.07 29.24
C THR C 225 -16.33 -14.16 30.07
N LEU C 226 -16.52 -12.86 29.86
CA LEU C 226 -15.70 -11.81 30.44
C LEU C 226 -16.48 -11.07 31.51
N LYS C 227 -15.99 -11.10 32.73
CA LYS C 227 -16.62 -10.35 33.80
C LYS C 227 -16.23 -8.87 33.70
N LYS C 228 -17.19 -8.00 34.00
CA LYS C 228 -16.93 -6.57 34.12
C LYS C 228 -16.17 -6.30 35.40
N ASN C 229 -15.54 -5.12 35.44
CA ASN C 229 -14.80 -4.67 36.61
C ASN C 229 -13.63 -5.57 36.95
N ALA C 230 -12.98 -6.14 35.95
CA ALA C 230 -11.85 -7.04 36.15
C ALA C 230 -10.49 -6.36 36.02
N CYS C 231 -10.39 -5.28 35.23
CA CYS C 231 -9.12 -4.64 34.95
C CYS C 231 -9.31 -3.15 35.19
N THR C 232 -8.79 -2.64 36.31
CA THR C 232 -9.04 -1.26 36.68
C THR C 232 -8.06 -0.27 36.05
N PHE C 233 -6.89 -0.73 35.66
CA PHE C 233 -5.81 0.14 35.16
C PHE C 233 -5.28 -0.45 33.88
N PRO C 234 -6.05 -0.39 32.80
CA PRO C 234 -5.64 -1.00 31.54
C PRO C 234 -4.54 -0.20 30.84
N LYS C 235 -3.83 -0.89 29.95
CA LYS C 235 -2.91 -0.27 29.01
C LYS C 235 -3.68 0.06 27.75
N VAL C 236 -3.66 1.32 27.34
CA VAL C 236 -4.35 1.75 26.14
C VAL C 236 -3.38 2.55 25.28
N GLU C 237 -3.20 2.13 24.01
CA GLU C 237 -2.28 2.77 23.08
C GLU C 237 -3.10 3.34 21.94
N PHE C 238 -2.70 4.50 21.47
CA PHE C 238 -3.35 5.18 20.36
C PHE C 238 -2.41 5.24 19.17
N HIS C 239 -2.94 4.90 18.02
CA HIS C 239 -2.23 4.95 16.76
C HIS C 239 -3.15 5.63 15.75
N ALA C 240 -2.53 6.35 14.81
CA ALA C 240 -3.28 7.01 13.76
C ALA C 240 -2.49 7.06 12.46
N SER C 241 -3.23 7.09 11.35
CA SER C 241 -2.60 7.34 10.05
C SER C 241 -2.37 8.84 9.80
N GLY C 242 -3.18 9.70 10.39
CA GLY C 242 -2.88 11.11 10.47
C GLY C 242 -2.05 11.43 11.70
N ASP C 243 -2.07 12.69 12.10
CA ASP C 243 -1.27 13.11 13.25
C ASP C 243 -1.80 12.47 14.54
N VAL C 244 -0.99 11.61 15.17
CA VAL C 244 -1.49 10.88 16.34
C VAL C 244 -1.65 11.81 17.53
N VAL C 245 -0.87 12.91 17.59
CA VAL C 245 -1.07 13.90 18.65
C VAL C 245 -2.44 14.55 18.54
N TRP C 246 -2.89 14.85 17.31
CA TRP C 246 -4.26 15.31 17.10
C TRP C 246 -5.27 14.25 17.56
N LEU C 247 -5.06 13.00 17.21
CA LEU C 247 -6.04 11.96 17.56
C LEU C 247 -6.12 11.80 19.08
N GLU C 248 -4.96 11.85 19.74
CA GLU C 248 -4.90 11.70 21.19
C GLU C 248 -5.56 12.86 21.91
N LYS C 249 -5.40 14.06 21.39
CA LYS C 249 -6.11 15.20 21.96
C LYS C 249 -7.62 15.01 21.87
N GLN C 250 -8.11 14.47 20.75
CA GLN C 250 -9.54 14.18 20.67
C GLN C 250 -9.91 13.07 21.64
N ALA C 251 -9.04 12.07 21.82
CA ALA C 251 -9.36 10.96 22.74
C ALA C 251 -9.71 11.50 24.11
N LYS C 252 -8.90 12.44 24.60
CA LYS C 252 -9.14 13.03 25.90
C LYS C 252 -10.54 13.63 25.97
N GLU C 253 -11.00 14.26 24.89
CA GLU C 253 -12.33 14.85 24.91
C GLU C 253 -13.42 13.80 24.86
N TRP C 254 -13.30 12.84 23.94
CA TRP C 254 -14.35 11.84 23.76
C TRP C 254 -14.47 10.89 24.95
N LEU C 255 -13.37 10.65 25.66
CA LEU C 255 -13.34 9.66 26.72
C LEU C 255 -13.67 10.30 28.07
N LYS C 256 -13.75 11.61 28.14
CA LYS C 256 -14.19 12.26 29.39
C LYS C 256 -13.20 11.91 30.49
N SER D 1 -2.49 24.72 -25.59
CA SER D 1 -3.02 24.21 -26.91
C SER D 1 -1.99 23.33 -27.58
N HIS D 2 -1.22 22.65 -26.74
CA HIS D 2 -0.16 21.74 -27.15
C HIS D 2 0.22 21.00 -25.88
N MET D 3 0.28 21.73 -24.76
CA MET D 3 0.69 21.18 -23.48
C MET D 3 -0.34 20.18 -22.93
N LYS D 4 0.15 19.03 -22.49
CA LYS D 4 -0.66 18.05 -21.77
C LYS D 4 -0.60 18.45 -20.31
N ILE D 5 -1.75 18.65 -19.68
CA ILE D 5 -1.72 19.10 -18.30
C ILE D 5 -2.41 18.09 -17.38
N GLY D 6 -2.04 18.16 -16.12
CA GLY D 6 -2.73 17.43 -15.08
C GLY D 6 -3.38 18.43 -14.15
N VAL D 7 -4.49 18.02 -13.56
CA VAL D 7 -5.22 18.79 -12.57
C VAL D 7 -5.37 17.87 -11.39
N PHE D 8 -4.89 18.31 -10.21
CA PHE D 8 -4.96 17.53 -9.00
C PHE D 8 -5.89 18.20 -8.00
N ASP D 9 -6.77 17.40 -7.40
CA ASP D 9 -7.61 17.87 -6.31
C ASP D 9 -7.78 16.75 -5.30
N SER D 10 -8.22 17.11 -4.10
CA SER D 10 -8.49 16.08 -3.08
C SER D 10 -9.70 15.23 -3.45
N GLY D 11 -10.54 15.71 -4.36
CA GLY D 11 -11.72 14.94 -4.71
C GLY D 11 -12.46 15.49 -5.89
N VAL D 12 -13.69 15.94 -5.67
CA VAL D 12 -14.52 16.45 -6.76
C VAL D 12 -14.59 17.95 -6.78
N GLY D 13 -14.18 18.62 -5.70
CA GLY D 13 -14.22 20.07 -5.69
C GLY D 13 -13.43 20.70 -6.82
N GLY D 14 -12.32 20.07 -7.23
CA GLY D 14 -11.49 20.61 -8.29
C GLY D 14 -12.22 20.75 -9.62
N PHE D 15 -13.42 20.19 -9.75
CA PHE D 15 -14.23 20.42 -10.93
C PHE D 15 -14.61 21.89 -11.09
N SER D 16 -14.56 22.69 -10.02
CA SER D 16 -14.81 24.13 -10.19
C SER D 16 -13.66 24.79 -10.92
N VAL D 17 -12.45 24.28 -10.72
CA VAL D 17 -11.30 24.77 -11.48
C VAL D 17 -11.34 24.20 -12.90
N LEU D 18 -11.65 22.90 -13.02
CA LEU D 18 -11.73 22.31 -14.36
C LEU D 18 -12.76 23.02 -15.21
N LYS D 19 -13.91 23.38 -14.62
CA LYS D 19 -14.93 24.08 -15.38
C LYS D 19 -14.37 25.38 -15.94
N SER D 20 -13.62 26.12 -15.12
CA SER D 20 -13.02 27.36 -15.61
C SER D 20 -12.05 27.07 -16.75
N LEU D 21 -11.19 26.06 -16.55
CA LEU D 21 -10.24 25.68 -17.59
C LEU D 21 -10.93 25.34 -18.88
N LEU D 22 -12.00 24.53 -18.80
CA LEU D 22 -12.66 24.06 -20.00
C LEU D 22 -13.35 25.22 -20.71
N LYS D 23 -13.96 26.14 -19.95
CA LYS D 23 -14.60 27.29 -20.58
C LYS D 23 -13.60 28.11 -21.37
N ALA D 24 -12.38 28.22 -20.88
CA ALA D 24 -11.38 29.04 -21.55
C ALA D 24 -10.83 28.37 -22.80
N GLN D 25 -11.01 27.06 -22.95
CA GLN D 25 -10.69 26.36 -24.18
C GLN D 25 -9.24 26.60 -24.57
N ILE D 26 -8.35 26.51 -23.57
CA ILE D 26 -6.93 26.78 -23.76
C ILE D 26 -6.06 25.52 -23.78
N PHE D 27 -6.54 24.38 -23.26
CA PHE D 27 -5.76 23.14 -23.26
C PHE D 27 -6.49 22.06 -24.04
N ASP D 28 -5.74 21.16 -24.64
CA ASP D 28 -6.35 20.11 -25.46
C ASP D 28 -6.27 18.70 -24.84
N LYS D 29 -5.50 18.51 -23.78
CA LYS D 29 -5.43 17.22 -23.11
C LYS D 29 -5.27 17.51 -21.63
N ILE D 30 -6.24 17.05 -20.86
CA ILE D 30 -6.29 17.28 -19.43
C ILE D 30 -6.48 15.93 -18.75
N ILE D 31 -5.64 15.68 -17.73
CA ILE D 31 -5.72 14.48 -16.89
C ILE D 31 -6.13 14.98 -15.50
N TYR D 32 -7.36 14.67 -15.08
CA TYR D 32 -7.84 15.04 -13.75
C TYR D 32 -7.67 13.86 -12.82
N TYR D 33 -7.07 14.11 -11.65
CA TYR D 33 -6.94 13.11 -10.59
C TYR D 33 -7.48 13.69 -9.29
N GLY D 34 -8.52 13.07 -8.74
CA GLY D 34 -9.07 13.40 -7.44
C GLY D 34 -8.82 12.28 -6.44
N ASP D 35 -8.28 12.66 -5.29
CA ASP D 35 -7.91 11.73 -4.23
C ASP D 35 -9.13 11.38 -3.37
N SER D 36 -10.17 10.90 -4.06
CA SER D 36 -11.48 10.75 -3.45
C SER D 36 -11.51 9.69 -2.35
N ALA D 37 -10.52 8.80 -2.31
CA ALA D 37 -10.45 7.85 -1.18
C ALA D 37 -10.17 8.55 0.14
N ARG D 38 -9.50 9.71 0.11
CA ARG D 38 -8.99 10.33 1.33
C ARG D 38 -9.54 11.71 1.61
N VAL D 39 -10.30 12.28 0.70
CA VAL D 39 -10.94 13.60 0.89
C VAL D 39 -11.81 13.55 2.14
N PRO D 40 -11.90 14.62 2.94
CA PRO D 40 -11.26 15.91 2.71
C PRO D 40 -9.85 16.00 3.27
N TYR D 41 -9.10 16.97 2.73
CA TYR D 41 -7.81 17.30 3.28
C TYR D 41 -7.88 18.38 4.34
N GLY D 42 -8.83 19.31 4.21
CA GLY D 42 -8.85 20.55 4.97
C GLY D 42 -9.00 20.38 6.46
N THR D 43 -9.54 19.25 6.90
CA THR D 43 -9.73 18.91 8.32
C THR D 43 -8.53 18.18 8.89
N LYS D 44 -7.50 17.95 8.11
CA LYS D 44 -6.37 17.17 8.54
C LYS D 44 -5.15 18.08 8.72
N ASP D 45 -4.00 17.45 9.02
CA ASP D 45 -2.83 18.11 9.58
C ASP D 45 -1.76 18.33 8.51
N PRO D 46 -0.90 19.35 8.69
CA PRO D 46 0.09 19.66 7.65
C PRO D 46 0.93 18.48 7.22
N THR D 47 1.35 17.64 8.15
CA THR D 47 2.23 16.53 7.76
C THR D 47 1.52 15.56 6.82
N THR D 48 0.28 15.23 7.15
CA THR D 48 -0.51 14.36 6.30
C THR D 48 -0.71 14.97 4.93
N ILE D 49 -1.08 16.23 4.89
CA ILE D 49 -1.42 16.86 3.62
C ILE D 49 -0.18 16.98 2.73
N LYS D 50 0.97 17.33 3.31
CA LYS D 50 2.19 17.40 2.52
C LYS D 50 2.50 16.07 1.84
N GLN D 51 2.33 14.96 2.57
CA GLN D 51 2.59 13.64 2.02
C GLN D 51 1.57 13.28 0.94
N PHE D 52 0.29 13.62 1.15
CA PHE D 52 -0.70 13.48 0.10
C PHE D 52 -0.23 14.17 -1.20
N GLY D 53 0.32 15.38 -1.08
CA GLY D 53 0.69 16.14 -2.27
C GLY D 53 1.84 15.48 -3.00
N LEU D 54 2.82 14.99 -2.24
CA LEU D 54 3.92 14.25 -2.84
C LEU D 54 3.41 12.99 -3.54
N GLU D 55 2.43 12.30 -2.95
CA GLU D 55 1.89 11.11 -3.58
C GLU D 55 1.12 11.44 -4.85
N ALA D 56 0.55 12.63 -4.92
CA ALA D 56 -0.12 13.04 -6.15
C ALA D 56 0.88 13.13 -7.31
N LEU D 57 2.11 13.54 -7.02
CA LEU D 57 3.11 13.58 -8.07
C LEU D 57 3.38 12.20 -8.64
N ASP D 58 3.41 11.17 -7.78
CA ASP D 58 3.63 9.82 -8.26
C ASP D 58 2.52 9.39 -9.21
N PHE D 59 1.27 9.79 -8.92
CA PHE D 59 0.19 9.44 -9.82
C PHE D 59 0.45 9.99 -11.23
N PHE D 60 0.90 11.23 -11.33
CA PHE D 60 1.03 11.90 -12.63
C PHE D 60 2.31 11.54 -13.39
N LYS D 61 3.30 10.94 -12.73
CA LYS D 61 4.54 10.62 -13.43
C LYS D 61 4.33 9.83 -14.72
N PRO D 62 3.57 8.73 -14.73
CA PRO D 62 3.48 7.94 -15.98
C PRO D 62 2.74 8.65 -17.10
N HIS D 63 1.98 9.70 -16.79
CA HIS D 63 1.17 10.41 -17.76
C HIS D 63 1.95 11.45 -18.55
N LYS D 64 3.18 11.73 -18.16
CA LYS D 64 4.04 12.68 -18.87
C LYS D 64 3.30 13.98 -19.16
N ILE D 65 2.70 14.52 -18.10
CA ILE D 65 2.14 15.86 -18.19
C ILE D 65 3.27 16.86 -18.20
N GLU D 66 2.98 18.03 -18.78
CA GLU D 66 3.94 19.11 -18.91
C GLU D 66 3.73 20.23 -17.90
N LEU D 67 2.55 20.31 -17.29
CA LEU D 67 2.31 21.24 -16.21
C LEU D 67 1.25 20.58 -15.31
N LEU D 68 1.40 20.76 -14.00
CA LEU D 68 0.41 20.27 -13.04
C LEU D 68 -0.25 21.46 -12.37
N ILE D 69 -1.57 21.50 -12.45
CA ILE D 69 -2.39 22.43 -11.67
C ILE D 69 -2.83 21.72 -10.40
N VAL D 70 -2.57 22.35 -9.26
CA VAL D 70 -3.11 21.89 -7.96
C VAL D 70 -4.36 22.73 -7.74
N ALA D 71 -5.51 22.18 -8.15
CA ALA D 71 -6.77 22.88 -8.04
C ALA D 71 -7.20 23.05 -6.60
N CYS D 72 -6.71 22.20 -5.71
CA CYS D 72 -7.11 22.18 -4.31
C CYS D 72 -6.45 23.34 -3.59
N ASN D 73 -7.27 24.18 -2.96
CA ASN D 73 -6.69 25.28 -2.17
C ASN D 73 -5.92 24.78 -0.95
N THR D 74 -6.39 23.69 -0.34
CA THR D 74 -5.72 23.15 0.84
C THR D 74 -4.37 22.57 0.48
N ALA D 75 -4.30 21.75 -0.57
CA ALA D 75 -3.01 21.25 -1.00
C ALA D 75 -2.12 22.38 -1.52
N SER D 76 -2.72 23.42 -2.13
CA SER D 76 -1.90 24.56 -2.56
C SER D 76 -1.31 25.27 -1.37
N ALA D 77 -2.11 25.42 -0.32
CA ALA D 77 -1.64 26.12 0.88
C ALA D 77 -0.58 25.33 1.62
N LEU D 78 -0.70 24.01 1.70
CA LEU D 78 0.14 23.23 2.59
C LEU D 78 1.25 22.46 1.89
N ALA D 79 1.07 22.04 0.64
CA ALA D 79 1.96 21.06 0.04
C ALA D 79 2.67 21.53 -1.24
N LEU D 80 2.31 22.69 -1.79
CA LEU D 80 2.84 23.11 -3.08
C LEU D 80 4.37 23.24 -3.09
N GLU D 81 4.94 23.88 -2.05
CA GLU D 81 6.39 24.02 -1.98
C GLU D 81 7.10 22.68 -2.02
N GLU D 82 6.65 21.70 -1.23
CA GLU D 82 7.31 20.40 -1.25
C GLU D 82 7.12 19.70 -2.59
N MET D 83 5.94 19.83 -3.20
CA MET D 83 5.73 19.24 -4.51
C MET D 83 6.65 19.86 -5.56
N GLN D 84 6.75 21.20 -5.56
CA GLN D 84 7.59 21.91 -6.53
C GLN D 84 9.06 21.53 -6.37
N LYS D 85 9.51 21.27 -5.14
CA LYS D 85 10.90 20.86 -4.92
C LYS D 85 11.17 19.47 -5.50
N HIS D 86 10.17 18.59 -5.54
CA HIS D 86 10.31 17.23 -6.04
C HIS D 86 9.78 17.05 -7.46
N SER D 87 9.69 18.14 -8.24
CA SER D 87 9.06 18.12 -9.55
C SER D 87 9.95 18.77 -10.59
N LYS D 88 10.14 18.08 -11.71
CA LYS D 88 10.82 18.59 -12.88
C LYS D 88 9.93 19.44 -13.78
N ILE D 89 8.62 19.49 -13.53
CA ILE D 89 7.72 20.31 -14.34
C ILE D 89 7.14 21.42 -13.47
N PRO D 90 6.64 22.49 -14.09
CA PRO D 90 5.99 23.52 -13.30
C PRO D 90 4.70 23.00 -12.66
N ILE D 91 4.49 23.44 -11.42
CA ILE D 91 3.28 23.17 -10.67
C ILE D 91 2.71 24.51 -10.28
N VAL D 92 1.46 24.73 -10.65
CA VAL D 92 0.75 25.95 -10.33
C VAL D 92 -0.39 25.59 -9.42
N GLY D 93 -0.42 26.25 -8.25
CA GLY D 93 -1.53 26.15 -7.34
C GLY D 93 -2.47 27.33 -7.48
N VAL D 94 -3.50 27.34 -6.63
CA VAL D 94 -4.60 28.26 -6.82
C VAL D 94 -4.52 29.44 -5.87
N ILE D 95 -3.45 29.57 -5.09
CA ILE D 95 -3.38 30.71 -4.18
C ILE D 95 -2.72 31.90 -4.88
N GLU D 96 -1.51 31.72 -5.39
CA GLU D 96 -0.81 32.86 -5.98
C GLU D 96 -1.55 33.50 -7.15
N PRO D 97 -2.22 32.76 -8.04
CA PRO D 97 -3.03 33.43 -9.07
C PRO D 97 -4.11 34.31 -8.52
N SER D 98 -4.68 33.96 -7.36
CA SER D 98 -5.68 34.82 -6.76
C SER D 98 -5.04 36.06 -6.17
N ILE D 99 -3.82 35.94 -5.63
CA ILE D 99 -3.11 37.12 -5.15
C ILE D 99 -2.91 38.10 -6.32
N LEU D 100 -2.54 37.56 -7.49
CA LEU D 100 -2.41 38.38 -8.68
C LEU D 100 -3.72 39.05 -9.05
N ALA D 101 -4.81 38.27 -9.07
CA ALA D 101 -6.09 38.83 -9.43
C ALA D 101 -6.44 39.99 -8.50
N ILE D 102 -6.06 39.87 -7.23
CA ILE D 102 -6.36 40.95 -6.30
C ILE D 102 -5.50 42.16 -6.62
N LYS D 103 -4.21 41.95 -6.89
CA LYS D 103 -3.38 43.10 -7.25
C LYS D 103 -4.01 43.87 -8.40
N GLN D 104 -4.64 43.16 -9.34
CA GLN D 104 -5.13 43.80 -10.54
C GLN D 104 -6.44 44.52 -10.27
N GLN D 105 -7.38 43.84 -9.62
CA GLN D 105 -8.72 44.38 -9.45
C GLN D 105 -8.82 45.33 -8.26
N VAL D 106 -7.86 45.33 -7.34
CA VAL D 106 -8.02 46.02 -6.06
C VAL D 106 -6.75 46.82 -5.75
N LYS D 107 -6.73 48.11 -6.11
CA LYS D 107 -5.53 48.91 -5.97
C LYS D 107 -5.41 49.57 -4.60
N ASP D 108 -6.54 49.81 -3.94
CA ASP D 108 -6.57 50.30 -2.57
C ASP D 108 -5.91 49.21 -1.72
N LYS D 109 -4.67 49.44 -1.25
CA LYS D 109 -4.01 48.41 -0.46
C LYS D 109 -4.60 48.40 0.95
N ASN D 110 -5.51 49.33 1.27
CA ASN D 110 -6.22 49.29 2.55
C ASN D 110 -7.59 48.66 2.42
N ALA D 111 -7.92 48.09 1.27
CA ALA D 111 -9.22 47.47 1.11
C ALA D 111 -9.35 46.30 2.09
N PRO D 112 -10.50 46.14 2.73
CA PRO D 112 -10.70 45.01 3.67
C PRO D 112 -10.98 43.73 2.88
N ILE D 113 -10.08 42.78 3.00
CA ILE D 113 -10.18 41.50 2.31
C ILE D 113 -10.52 40.41 3.33
N LEU D 114 -11.53 39.60 3.01
CA LEU D 114 -11.91 38.44 3.81
C LEU D 114 -11.57 37.15 3.08
N VAL D 115 -10.76 36.30 3.71
CA VAL D 115 -10.39 35.00 3.17
C VAL D 115 -11.28 33.93 3.79
N LEU D 116 -11.95 33.15 2.96
CA LEU D 116 -12.70 31.96 3.40
C LEU D 116 -12.00 30.71 2.89
N GLY D 117 -11.96 29.65 3.71
CA GLY D 117 -11.24 28.46 3.31
C GLY D 117 -11.50 27.35 4.31
N THR D 118 -10.90 26.20 4.04
CA THR D 118 -10.87 25.11 5.00
C THR D 118 -10.08 25.48 6.24
N LYS D 119 -10.26 24.66 7.27
CA LYS D 119 -9.50 24.86 8.50
C LYS D 119 -7.99 24.86 8.24
N ALA D 120 -7.46 23.86 7.49
CA ALA D 120 -6.02 23.86 7.27
C ALA D 120 -5.56 25.04 6.40
N THR D 121 -6.32 25.40 5.38
CA THR D 121 -5.93 26.54 4.56
C THR D 121 -5.84 27.81 5.36
N ILE D 122 -6.86 28.06 6.18
CA ILE D 122 -6.87 29.27 6.99
C ILE D 122 -5.77 29.21 8.01
N GLN D 123 -5.54 28.03 8.61
CA GLN D 123 -4.53 27.94 9.64
C GLN D 123 -3.15 28.22 9.06
N SER D 124 -2.92 27.86 7.79
CA SER D 124 -1.62 28.05 7.16
C SER D 124 -1.27 29.53 7.00
N ASN D 125 -2.26 30.43 7.04
CA ASN D 125 -2.12 31.85 6.68
C ASN D 125 -1.46 32.06 5.31
N ALA D 126 -1.53 31.06 4.42
CA ALA D 126 -1.01 31.24 3.07
C ALA D 126 -1.53 32.52 2.44
N TYR D 127 -2.85 32.74 2.46
CA TYR D 127 -3.40 33.92 1.82
C TYR D 127 -2.96 35.22 2.50
N ASP D 128 -3.07 35.28 3.83
CA ASP D 128 -2.72 36.48 4.58
C ASP D 128 -1.28 36.87 4.34
N ASN D 129 -0.38 35.90 4.39
CA ASN D 129 1.04 36.18 4.20
C ASN D 129 1.29 36.71 2.80
N ALA D 130 0.72 36.04 1.80
CA ALA D 130 0.92 36.47 0.42
C ALA D 130 0.37 37.86 0.20
N LEU D 131 -0.78 38.17 0.83
CA LEU D 131 -1.34 39.50 0.62
C LEU D 131 -0.53 40.54 1.36
N LYS D 132 -0.12 40.22 2.61
CA LYS D 132 0.70 41.16 3.38
C LYS D 132 1.97 41.53 2.61
N GLN D 133 2.68 40.52 2.11
CA GLN D 133 3.89 40.79 1.32
C GLN D 133 3.61 41.66 0.10
N GLN D 134 2.36 41.77 -0.35
CA GLN D 134 2.00 42.64 -1.48
C GLN D 134 1.51 44.00 -1.02
N GLY D 135 1.59 44.31 0.28
CA GLY D 135 1.19 45.61 0.79
C GLY D 135 -0.24 45.72 1.31
N TYR D 136 -1.05 44.67 1.19
CA TYR D 136 -2.41 44.70 1.72
C TYR D 136 -2.38 44.56 3.25
N LEU D 137 -3.14 45.42 3.93
CA LEU D 137 -3.02 45.59 5.37
C LEU D 137 -4.32 45.45 6.14
N ASN D 138 -5.45 45.25 5.46
CA ASN D 138 -6.72 44.97 6.13
C ASN D 138 -7.19 43.59 5.68
N VAL D 139 -6.53 42.55 6.17
CA VAL D 139 -6.84 41.17 5.80
C VAL D 139 -7.32 40.42 7.03
N SER D 140 -8.46 39.79 6.89
CA SER D 140 -8.95 38.85 7.90
C SER D 140 -9.38 37.55 7.21
N HIS D 141 -9.68 36.56 8.03
CA HIS D 141 -9.88 35.21 7.51
C HIS D 141 -10.84 34.43 8.40
N LEU D 142 -11.40 33.38 7.81
CA LEU D 142 -12.45 32.59 8.44
C LEU D 142 -12.49 31.19 7.85
N ALA D 143 -12.26 30.19 8.69
CA ALA D 143 -12.45 28.80 8.35
C ALA D 143 -13.92 28.49 8.40
N THR D 144 -14.43 27.90 7.32
CA THR D 144 -15.84 27.53 7.20
C THR D 144 -15.96 26.06 6.80
N SER D 145 -15.45 25.19 7.67
CA SER D 145 -15.27 23.78 7.36
C SER D 145 -16.53 23.13 6.82
N LEU D 146 -17.68 23.41 7.46
CA LEU D 146 -18.88 22.64 7.16
C LEU D 146 -19.43 22.96 5.78
N PHE D 147 -19.03 24.08 5.17
CA PHE D 147 -19.47 24.35 3.82
C PHE D 147 -19.10 23.21 2.89
N VAL D 148 -17.95 22.56 3.14
CA VAL D 148 -17.53 21.49 2.20
C VAL D 148 -18.50 20.31 2.23
N PRO D 149 -18.77 19.69 3.38
CA PRO D 149 -19.71 18.56 3.37
C PRO D 149 -21.11 18.97 2.93
N LEU D 150 -21.57 20.17 3.27
CA LEU D 150 -22.88 20.63 2.82
C LEU D 150 -22.93 20.66 1.30
N ILE D 151 -21.90 21.22 0.68
CA ILE D 151 -21.87 21.35 -0.77
C ILE D 151 -21.80 19.97 -1.40
N GLU D 152 -21.05 19.05 -0.78
CA GLU D 152 -20.94 17.71 -1.35
C GLU D 152 -22.25 16.93 -1.22
N GLU D 153 -23.15 17.29 -0.28
CA GLU D 153 -24.51 16.76 -0.23
C GLU D 153 -25.45 17.45 -1.20
N ASN D 154 -24.94 18.38 -2.00
CA ASN D 154 -25.73 19.21 -2.91
C ASN D 154 -26.76 20.03 -2.15
N ILE D 155 -26.33 20.59 -1.04
CA ILE D 155 -27.13 21.53 -0.26
C ILE D 155 -26.56 22.90 -0.58
N LEU D 156 -27.15 23.53 -1.59
CA LEU D 156 -26.70 24.81 -2.10
C LEU D 156 -27.72 25.91 -1.83
N GLU D 157 -28.76 25.58 -1.07
CA GLU D 157 -29.82 26.53 -0.79
C GLU D 157 -30.59 26.00 0.40
N GLY D 158 -31.48 26.84 0.92
CA GLY D 158 -32.38 26.46 1.97
C GLY D 158 -31.87 26.75 3.37
N GLU D 159 -32.69 26.31 4.32
CA GLU D 159 -32.53 26.72 5.71
C GLU D 159 -31.26 26.17 6.35
N LEU D 160 -30.84 24.97 5.98
CA LEU D 160 -29.63 24.42 6.59
C LEU D 160 -28.40 25.20 6.15
N LEU D 161 -28.27 25.49 4.86
CA LEU D 161 -27.14 26.32 4.42
C LEU D 161 -27.23 27.71 5.04
N GLU D 162 -28.43 28.30 5.03
CA GLU D 162 -28.62 29.62 5.64
C GLU D 162 -28.18 29.60 7.11
N THR D 163 -28.57 28.58 7.86
CA THR D 163 -28.22 28.51 9.28
C THR D 163 -26.73 28.30 9.46
N CYS D 164 -26.11 27.53 8.56
CA CYS D 164 -24.66 27.32 8.63
C CYS D 164 -23.89 28.60 8.28
N MET D 165 -24.36 29.36 7.29
CA MET D 165 -23.75 30.63 6.99
C MET D 165 -23.89 31.56 8.19
N ARG D 166 -25.07 31.57 8.78
CA ARG D 166 -25.31 32.42 9.94
C ARG D 166 -24.39 32.03 11.09
N TYR D 167 -24.16 30.73 11.27
CA TYR D 167 -23.24 30.27 12.30
C TYR D 167 -21.83 30.80 12.06
N TYR D 168 -21.36 30.76 10.83
CA TYR D 168 -19.98 31.17 10.59
C TYR D 168 -19.82 32.68 10.50
N PHE D 169 -20.82 33.37 9.94
CA PHE D 169 -20.62 34.75 9.57
C PHE D 169 -21.06 35.72 10.66
N THR D 170 -21.98 35.32 11.52
CA THR D 170 -22.48 36.24 12.54
C THR D 170 -21.38 36.96 13.31
N PRO D 171 -20.24 36.35 13.64
CA PRO D 171 -19.20 37.09 14.38
C PRO D 171 -18.38 38.03 13.54
N LEU D 172 -18.59 38.10 12.24
CA LEU D 172 -17.77 38.97 11.41
C LEU D 172 -18.08 40.43 11.70
N GLU D 173 -17.01 41.22 11.86
CA GLU D 173 -17.09 42.63 12.24
C GLU D 173 -16.55 43.59 11.20
N ILE D 174 -15.70 43.14 10.29
CA ILE D 174 -15.02 44.03 9.36
C ILE D 174 -15.72 43.90 8.03
N LEU D 175 -16.49 44.96 7.65
CA LEU D 175 -17.17 44.99 6.36
C LEU D 175 -16.17 44.66 5.24
N PRO D 176 -16.43 43.64 4.42
CA PRO D 176 -15.46 43.26 3.39
C PRO D 176 -15.73 43.97 2.06
N GLU D 177 -14.65 44.34 1.39
CA GLU D 177 -14.76 44.74 -0.01
C GLU D 177 -14.32 43.65 -0.98
N VAL D 178 -13.51 42.70 -0.51
CA VAL D 178 -13.09 41.52 -1.27
C VAL D 178 -13.34 40.28 -0.41
N VAL D 179 -13.98 39.27 -1.01
CA VAL D 179 -14.14 37.94 -0.40
C VAL D 179 -13.41 36.94 -1.29
N ILE D 180 -12.36 36.33 -0.76
CA ILE D 180 -11.68 35.27 -1.50
C ILE D 180 -12.37 33.95 -1.20
N LEU D 181 -12.86 33.31 -2.26
CA LEU D 181 -13.45 31.95 -2.18
C LEU D 181 -12.31 30.93 -2.22
N GLY D 182 -11.59 30.85 -1.11
CA GLY D 182 -10.33 30.12 -1.03
C GLY D 182 -10.48 28.63 -0.81
N CYS D 183 -11.45 28.02 -1.50
CA CYS D 183 -11.72 26.59 -1.40
C CYS D 183 -12.42 26.18 -2.69
N THR D 184 -12.08 25.00 -3.20
CA THR D 184 -12.67 24.56 -4.45
C THR D 184 -14.18 24.58 -4.43
N HIS D 185 -14.77 24.31 -3.29
CA HIS D 185 -16.20 24.14 -3.26
C HIS D 185 -17.00 25.44 -3.24
N PHE D 186 -16.37 26.55 -2.86
CA PHE D 186 -17.18 27.68 -2.43
C PHE D 186 -17.80 28.40 -3.64
N PRO D 187 -17.29 28.27 -4.88
CA PRO D 187 -18.03 28.85 -6.01
C PRO D 187 -19.45 28.39 -6.13
N LEU D 188 -19.75 27.17 -5.69
CA LEU D 188 -21.11 26.69 -5.80
C LEU D 188 -22.07 27.40 -4.87
N ILE D 189 -21.58 28.08 -3.83
CA ILE D 189 -22.45 28.89 -2.97
C ILE D 189 -22.03 30.37 -2.98
N ALA D 190 -21.31 30.80 -4.01
CA ALA D 190 -20.82 32.18 -4.04
C ALA D 190 -21.97 33.19 -3.94
N GLN D 191 -23.03 32.99 -4.74
CA GLN D 191 -24.15 33.93 -4.70
C GLN D 191 -24.83 33.91 -3.33
N LYS D 192 -24.97 32.73 -2.74
CA LYS D 192 -25.55 32.64 -1.40
C LYS D 192 -24.70 33.39 -0.39
N ILE D 193 -23.39 33.30 -0.51
CA ILE D 193 -22.49 34.00 0.38
C ILE D 193 -22.64 35.52 0.19
N GLU D 194 -22.63 35.96 -1.05
CA GLU D 194 -22.81 37.39 -1.31
C GLU D 194 -24.13 37.88 -0.74
N GLY D 195 -25.18 37.14 -0.97
CA GLY D 195 -26.48 37.52 -0.49
C GLY D 195 -26.55 37.56 1.01
N TYR D 196 -25.87 36.62 1.69
CA TYR D 196 -25.80 36.69 3.15
C TYR D 196 -25.10 37.98 3.61
N PHE D 197 -23.97 38.32 2.98
CA PHE D 197 -23.16 39.46 3.42
C PHE D 197 -23.87 40.76 3.16
N MET D 198 -24.71 40.78 2.12
CA MET D 198 -25.51 41.96 1.86
C MET D 198 -26.31 42.35 3.10
N GLU D 199 -27.09 41.40 3.66
CA GLU D 199 -27.86 41.69 4.87
C GLU D 199 -26.96 41.82 6.11
N HIS D 200 -26.01 40.90 6.28
CA HIS D 200 -25.21 40.88 7.50
C HIS D 200 -24.56 42.24 7.73
N PHE D 201 -23.78 42.68 6.75
CA PHE D 201 -23.05 43.92 6.81
C PHE D 201 -23.89 45.10 6.34
N ALA D 202 -25.19 44.89 6.12
CA ALA D 202 -26.08 45.98 5.71
C ALA D 202 -25.45 46.81 4.60
N LEU D 203 -24.94 46.11 3.59
CA LEU D 203 -24.18 46.71 2.52
C LEU D 203 -25.08 47.36 1.47
N SER D 204 -24.52 48.38 0.82
CA SER D 204 -25.10 49.06 -0.33
C SER D 204 -24.88 48.25 -1.61
N THR D 205 -23.64 47.81 -1.81
CA THR D 205 -23.24 47.09 -3.01
C THR D 205 -22.42 45.88 -2.61
N PRO D 206 -22.48 44.80 -3.38
CA PRO D 206 -21.81 43.54 -2.95
C PRO D 206 -20.32 43.62 -3.07
N PRO D 207 -19.58 42.86 -2.27
CA PRO D 207 -18.12 42.86 -2.38
C PRO D 207 -17.69 42.10 -3.62
N LEU D 208 -16.45 42.33 -4.02
CA LEU D 208 -15.83 41.54 -5.10
C LEU D 208 -15.54 40.13 -4.60
N LEU D 209 -15.97 39.12 -5.37
CA LEU D 209 -15.65 37.72 -5.11
C LEU D 209 -14.53 37.22 -6.02
N ILE D 210 -13.48 36.67 -5.42
CA ILE D 210 -12.37 36.05 -6.14
C ILE D 210 -12.63 34.54 -6.24
N HIS D 211 -12.73 34.06 -7.49
CA HIS D 211 -12.91 32.65 -7.85
C HIS D 211 -11.54 32.07 -8.19
N SER D 212 -11.14 30.97 -7.54
CA SER D 212 -9.78 30.45 -7.70
C SER D 212 -9.55 29.95 -9.12
N GLY D 213 -10.59 29.37 -9.72
CA GLY D 213 -10.47 28.85 -11.07
C GLY D 213 -10.30 29.95 -12.11
N ASP D 214 -11.14 30.97 -12.06
CA ASP D 214 -10.97 32.06 -13.02
C ASP D 214 -9.62 32.74 -12.82
N ALA D 215 -9.18 32.87 -11.57
CA ALA D 215 -7.91 33.55 -11.34
C ALA D 215 -6.77 32.74 -11.94
N ILE D 216 -6.79 31.40 -11.79
CA ILE D 216 -5.68 30.61 -12.32
C ILE D 216 -5.73 30.58 -13.87
N VAL D 217 -6.92 30.66 -14.47
CA VAL D 217 -7.02 30.69 -15.93
C VAL D 217 -6.28 31.92 -16.47
N GLU D 218 -6.52 33.09 -15.86
CA GLU D 218 -5.86 34.32 -16.28
C GLU D 218 -4.36 34.19 -16.15
N TYR D 219 -3.88 33.67 -15.02
CA TYR D 219 -2.45 33.57 -14.84
C TYR D 219 -1.83 32.65 -15.87
N LEU D 220 -2.43 31.48 -16.10
CA LEU D 220 -1.85 30.52 -17.04
C LEU D 220 -1.83 31.09 -18.45
N GLN D 221 -2.90 31.78 -18.83
CA GLN D 221 -2.96 32.44 -20.14
C GLN D 221 -1.81 33.44 -20.30
N GLN D 222 -1.56 34.26 -19.27
CA GLN D 222 -0.47 35.23 -19.34
C GLN D 222 0.89 34.53 -19.30
N LYS D 223 1.08 33.59 -18.37
CA LYS D 223 2.40 32.99 -18.22
C LYS D 223 2.82 32.10 -19.40
N TYR D 224 1.88 31.44 -20.07
CA TYR D 224 2.21 30.49 -21.13
C TYR D 224 1.78 30.98 -22.51
N THR D 225 1.30 32.21 -22.62
CA THR D 225 0.89 32.78 -23.89
C THR D 225 -0.02 31.81 -24.63
N LEU D 226 -1.12 31.47 -23.98
CA LEU D 226 -2.11 30.55 -24.53
C LEU D 226 -3.27 31.37 -25.08
N LYS D 227 -3.78 30.95 -26.24
CA LYS D 227 -4.93 31.60 -26.84
C LYS D 227 -6.18 30.95 -26.28
N LYS D 228 -7.07 31.76 -25.72
CA LYS D 228 -8.40 31.26 -25.40
C LYS D 228 -9.08 30.84 -26.70
N ASN D 229 -9.88 29.78 -26.64
CA ASN D 229 -10.74 29.25 -27.70
C ASN D 229 -9.96 28.49 -28.76
N ALA D 230 -8.66 28.34 -28.56
CA ALA D 230 -7.85 27.49 -29.41
C ALA D 230 -8.36 26.05 -29.44
N CYS D 231 -8.85 25.54 -28.31
CA CYS D 231 -9.08 24.10 -28.12
C CYS D 231 -10.54 23.81 -27.78
N THR D 232 -11.35 23.51 -28.80
CA THR D 232 -12.79 23.38 -28.62
C THR D 232 -13.23 21.99 -28.20
N PHE D 233 -12.45 20.94 -28.52
CA PHE D 233 -12.83 19.55 -28.27
C PHE D 233 -11.67 18.85 -27.58
N PRO D 234 -11.41 19.22 -26.32
CA PRO D 234 -10.29 18.60 -25.60
C PRO D 234 -10.55 17.15 -25.21
N LYS D 235 -9.46 16.44 -25.03
CA LYS D 235 -9.45 15.11 -24.42
C LYS D 235 -9.33 15.30 -22.91
N VAL D 236 -10.27 14.76 -22.14
CA VAL D 236 -10.26 14.88 -20.69
C VAL D 236 -10.40 13.47 -20.11
N GLU D 237 -9.49 13.11 -19.22
CA GLU D 237 -9.48 11.79 -18.58
C GLU D 237 -9.67 11.99 -17.07
N PHE D 238 -10.51 11.17 -16.48
CA PHE D 238 -10.82 11.27 -15.06
C PHE D 238 -10.23 10.06 -14.35
N HIS D 239 -9.49 10.32 -13.27
CA HIS D 239 -8.88 9.32 -12.43
C HIS D 239 -9.20 9.63 -10.98
N ALA D 240 -9.20 8.58 -10.14
CA ALA D 240 -9.54 8.77 -8.75
C ALA D 240 -8.90 7.67 -7.93
N SER D 241 -8.59 7.99 -6.68
CA SER D 241 -8.17 6.95 -5.75
C SER D 241 -9.35 6.16 -5.22
N GLY D 242 -10.53 6.77 -5.13
CA GLY D 242 -11.76 6.06 -4.88
C GLY D 242 -12.33 5.52 -6.18
N ASP D 243 -13.63 5.21 -6.15
CA ASP D 243 -14.29 4.62 -7.31
C ASP D 243 -14.40 5.69 -8.41
N VAL D 244 -13.84 5.39 -9.57
CA VAL D 244 -13.82 6.39 -10.66
C VAL D 244 -15.22 6.66 -11.18
N VAL D 245 -16.09 5.65 -11.20
CA VAL D 245 -17.47 5.90 -11.63
C VAL D 245 -18.15 6.93 -10.72
N TRP D 246 -17.91 6.85 -9.43
CA TRP D 246 -18.49 7.84 -8.51
C TRP D 246 -17.95 9.24 -8.81
N LEU D 247 -16.68 9.34 -9.12
CA LEU D 247 -16.08 10.65 -9.40
C LEU D 247 -16.62 11.23 -10.69
N GLU D 248 -16.73 10.40 -11.72
CA GLU D 248 -17.27 10.84 -13.01
C GLU D 248 -18.73 11.25 -12.89
N LYS D 249 -19.48 10.55 -12.05
CA LYS D 249 -20.85 10.96 -11.80
C LYS D 249 -20.90 12.40 -11.31
N GLN D 250 -20.02 12.75 -10.34
CA GLN D 250 -19.98 14.11 -9.83
C GLN D 250 -19.48 15.06 -10.90
N ALA D 251 -18.54 14.63 -11.73
CA ALA D 251 -18.05 15.52 -12.77
C ALA D 251 -19.19 15.94 -13.69
N LYS D 252 -20.09 15.03 -14.02
CA LYS D 252 -21.21 15.43 -14.86
C LYS D 252 -21.98 16.58 -14.21
N GLU D 253 -22.17 16.52 -12.89
CA GLU D 253 -22.95 17.54 -12.17
C GLU D 253 -22.21 18.86 -12.10
N TRP D 254 -20.95 18.83 -11.62
CA TRP D 254 -20.16 20.04 -11.40
C TRP D 254 -19.80 20.76 -12.69
N LEU D 255 -19.67 20.03 -13.79
CA LEU D 255 -19.24 20.63 -15.04
C LEU D 255 -20.40 21.10 -15.90
N LYS D 256 -21.64 20.82 -15.49
CA LYS D 256 -22.83 21.27 -16.25
C LYS D 256 -22.83 22.79 -16.41
N DGL E . 20.63 -10.10 3.04
CA DGL E . 21.31 -9.95 1.75
C DGL E . 22.77 -9.56 1.97
O DGL E . 23.46 -9.16 1.02
CB DGL E . 21.22 -11.27 0.95
CG DGL E . 19.85 -11.53 0.45
CD DGL E . 19.37 -10.40 -0.43
OE1 DGL E . 19.96 -10.25 -1.53
OE2 DGL E . 18.47 -9.64 0.00
OXT DGL E . 23.25 -9.62 3.12
H2 DGL E . 20.62 -9.38 3.66
H DGL E . 20.91 -9.56 3.64
HA DGL E . 20.87 -9.26 1.23
HB2 DGL E . 21.48 -12.01 1.53
HB3 DGL E . 21.82 -11.22 0.19
HG2 DGL E . 19.84 -12.35 -0.06
HG3 DGL E . 19.24 -11.62 1.21
C1 GOL F . 20.01 -23.16 7.67
O1 GOL F . 21.21 -23.89 7.80
C2 GOL F . 19.35 -23.70 6.38
O2 GOL F . 18.15 -24.32 6.65
C3 GOL F . 19.34 -22.48 5.34
O3 GOL F . 18.22 -22.53 4.47
H11 GOL F . 20.14 -22.20 7.60
H12 GOL F . 19.40 -23.29 8.42
HO1 GOL F . 21.62 -23.58 8.48
H2 GOL F . 19.87 -24.41 5.96
H31 GOL F . 20.19 -22.49 4.86
H32 GOL F . 19.37 -21.66 5.86
HO3 GOL F . 18.40 -22.03 3.81
N DGL G . 7.01 -15.64 -12.92
CA DGL G . 7.20 -16.76 -12.00
C DGL G . 6.44 -17.98 -12.49
O DGL G . 6.06 -17.99 -13.67
CB DGL G . 8.69 -17.10 -11.94
CG DGL G . 9.47 -16.08 -11.13
CD DGL G . 8.85 -15.90 -9.73
OE1 DGL G . 8.94 -16.85 -8.91
OE2 DGL G . 8.25 -14.81 -9.48
OXT DGL G . 6.21 -18.95 -11.73
H2 DGL G . 6.24 -15.07 -12.80
H DGL G . 7.52 -15.66 -13.61
HA DGL G . 6.88 -16.53 -11.11
HB2 DGL G . 9.05 -17.11 -12.84
HB3 DGL G . 8.81 -17.96 -11.52
HG2 DGL G . 10.39 -16.38 -11.01
HG3 DGL G . 9.46 -15.22 -11.58
C1 GOL H . 17.95 -14.74 -19.44
O1 GOL H . 18.38 -13.83 -18.42
C2 GOL H . 18.10 -13.99 -20.82
O2 GOL H . 19.18 -13.12 -20.84
C3 GOL H . 18.26 -15.13 -21.89
O3 GOL H . 17.67 -14.70 -23.10
H11 GOL H . 17.04 -15.02 -19.32
H12 GOL H . 18.49 -15.55 -19.45
HO1 GOL H . 18.61 -14.30 -17.74
H2 GOL H . 17.32 -13.45 -20.99
HO2 GOL H . 19.11 -12.60 -20.17
H31 GOL H . 17.87 -15.95 -21.53
H32 GOL H . 19.21 -15.33 -21.99
HO3 GOL H . 18.22 -14.87 -23.71
N DGL I . -16.85 5.71 11.87
CA DGL I . -17.96 5.95 10.96
C DGL I . -19.17 5.10 11.32
O DGL I . -19.22 4.53 12.45
CB DGL I . -18.31 7.43 10.95
CG DGL I . -17.24 8.29 10.32
CD DGL I . -16.97 7.84 8.91
OE1 DGL I . -15.84 7.35 8.66
OE2 DGL I . -17.88 7.94 8.06
OXT DGL I . -20.07 4.97 10.46
H2 DGL I . -16.90 6.01 12.79
H DGL I . -17.01 5.94 12.68
HA DGL I . -17.69 5.69 10.07
HB2 DGL I . -19.13 7.55 10.46
HB3 DGL I . -18.43 7.73 11.87
HG2 DGL I . -17.55 9.21 10.30
HG3 DGL I . -16.43 8.22 10.83
C1 GOL J . -16.39 15.26 22.02
O1 GOL J . -17.42 15.57 22.95
C2 GOL J . -16.33 16.50 21.03
O2 GOL J . -15.13 17.19 21.16
C3 GOL J . -16.61 15.89 19.57
O3 GOL J . -15.89 16.60 18.57
H11 GOL J . -16.57 14.45 21.51
H12 GOL J . -15.52 15.13 22.44
HO1 GOL J . -17.20 15.20 23.69
H2 GOL J . -17.02 17.15 21.22
HO2 GOL J . -14.84 17.37 20.37
H31 GOL J . -17.57 15.92 19.43
H32 GOL J . -16.38 14.95 19.59
HO3 GOL J . -16.00 16.17 17.84
N DGL K . -10.36 20.93 -2.24
CA DGL K . -10.29 21.44 -0.85
C DGL K . -9.90 22.91 -0.90
O DGL K . -9.90 23.52 -2.00
CB DGL K . -11.62 21.29 -0.15
CG DGL K . -11.95 19.82 0.18
CD DGL K . -10.91 19.27 1.13
OE1 DGL K . -10.07 18.45 0.71
OE2 DGL K . -10.87 19.73 2.31
OXT DGL K . -9.60 23.50 0.15
H2 DGL K . -9.60 20.48 -2.61
H DGL K . -10.87 20.25 -2.33
HA DGL K . -9.64 20.95 -0.34
HB2 DGL K . -11.61 21.79 0.68
HB3 DGL K . -12.32 21.64 -0.73
HG2 DGL K . -12.82 19.76 0.60
HG3 DGL K . -11.93 19.29 -0.63
C1 GOL L . -29.77 36.41 7.10
O1 GOL L . -29.41 36.16 5.76
C2 GOL L . -29.42 37.87 7.42
O2 GOL L . -29.81 38.26 8.71
C3 GOL L . -27.89 37.96 7.22
O3 GOL L . -27.47 39.22 7.75
H11 GOL L . -29.31 35.83 7.72
H12 GOL L . -30.72 36.27 7.26
HO1 GOL L . -30.10 36.30 5.29
H2 GOL L . -29.89 38.47 6.82
HO2 GOL L . -30.32 38.93 8.63
H31 GOL L . -27.69 37.86 6.27
H32 GOL L . -27.48 37.21 7.65
HO3 GOL L . -27.49 39.16 8.60
#